data_2JNT
#
_entry.id   2JNT
#
_entity_poly.entity_id   1
_entity_poly.type   'polypeptide(L)'
_entity_poly.pdbx_seq_one_letter_code
;YTDKYDKINLQEILENKRLLESYMDCVLGKGKCTPEGKELKDHLQEALETGCEKCTEAQEKGAETSIDYLIKNELEIWKE
LTAHFDPDGKWRKKYEDRAKAKGIVIPE
;
_entity_poly.pdbx_strand_id   A
#
# COMPACT_ATOMS: atom_id res chain seq x y z
N TYR A 1 -2.68 10.47 -18.24
CA TYR A 1 -1.76 11.54 -17.92
C TYR A 1 -1.02 11.23 -16.63
N THR A 2 -1.73 11.16 -15.53
CA THR A 2 -1.12 10.92 -14.23
C THR A 2 -1.16 9.43 -13.86
N ASP A 3 -1.07 8.59 -14.90
CA ASP A 3 -1.26 7.11 -14.84
C ASP A 3 -0.21 6.42 -13.99
N LYS A 4 0.88 7.10 -13.74
CA LYS A 4 2.02 6.59 -13.00
C LYS A 4 2.75 7.77 -12.39
N TYR A 5 3.34 7.54 -11.20
CA TYR A 5 4.01 8.57 -10.33
C TYR A 5 3.17 9.77 -9.92
N ASP A 6 2.57 10.43 -10.87
CA ASP A 6 1.84 11.67 -10.65
C ASP A 6 0.71 11.51 -9.67
N LYS A 7 -0.26 10.66 -9.97
CA LYS A 7 -1.50 10.76 -9.22
C LYS A 7 -2.37 9.53 -9.20
N ILE A 8 -3.12 9.27 -10.27
CA ILE A 8 -4.15 8.22 -10.24
C ILE A 8 -3.57 6.83 -10.43
N ASN A 9 -2.48 6.60 -9.82
CA ASN A 9 -1.86 5.36 -9.83
C ASN A 9 -1.77 4.82 -8.40
N LEU A 10 -2.26 3.66 -8.20
CA LEU A 10 -2.11 2.97 -6.98
C LEU A 10 -1.61 1.60 -7.32
N GLN A 11 -2.45 0.88 -8.02
CA GLN A 11 -2.21 -0.49 -8.39
C GLN A 11 -1.24 -0.59 -9.56
N GLU A 12 -1.20 0.44 -10.41
CA GLU A 12 -0.39 0.39 -11.63
C GLU A 12 1.03 0.66 -11.34
N ILE A 13 1.25 1.01 -10.15
CA ILE A 13 2.54 1.15 -9.65
C ILE A 13 2.84 0.00 -8.70
N LEU A 14 1.88 -0.26 -7.79
CA LEU A 14 1.98 -1.34 -6.78
C LEU A 14 2.28 -2.70 -7.41
N GLU A 15 1.93 -2.79 -8.66
CA GLU A 15 2.13 -3.94 -9.49
C GLU A 15 3.61 -4.39 -9.57
N ASN A 16 4.56 -3.48 -9.41
CA ASN A 16 6.00 -3.85 -9.45
C ASN A 16 6.79 -2.90 -8.60
N LYS A 17 7.69 -3.40 -7.73
CA LYS A 17 8.52 -2.54 -6.86
C LYS A 17 9.37 -1.56 -7.64
N ARG A 18 9.63 -1.87 -8.88
CA ARG A 18 10.33 -0.95 -9.74
C ARG A 18 9.42 0.24 -10.11
N LEU A 19 8.14 -0.05 -10.26
CA LEU A 19 7.17 0.96 -10.50
C LEU A 19 6.90 1.70 -9.18
N LEU A 20 7.11 1.02 -8.06
CA LEU A 20 6.99 1.66 -6.74
C LEU A 20 8.00 2.73 -6.66
N GLU A 21 9.22 2.41 -7.09
CA GLU A 21 10.30 3.35 -7.19
C GLU A 21 9.90 4.57 -8.05
N SER A 22 9.01 4.34 -9.02
CA SER A 22 8.44 5.43 -9.81
C SER A 22 7.56 6.41 -8.95
N TYR A 23 6.59 5.92 -8.15
CA TYR A 23 5.77 6.89 -7.33
C TYR A 23 6.32 6.95 -5.88
N MET A 24 7.51 6.50 -5.73
CA MET A 24 8.14 6.38 -4.44
C MET A 24 8.38 7.73 -3.80
N ASP A 25 8.41 8.77 -4.60
CA ASP A 25 8.50 10.10 -4.05
C ASP A 25 7.23 10.47 -3.31
N CYS A 26 6.13 9.91 -3.77
CA CYS A 26 4.85 10.13 -3.15
C CYS A 26 4.86 9.45 -1.80
N VAL A 27 5.31 8.20 -1.81
CA VAL A 27 5.30 7.41 -0.61
C VAL A 27 6.48 7.70 0.32
N LEU A 28 7.71 7.61 -0.18
CA LEU A 28 8.84 7.73 0.70
C LEU A 28 9.55 9.07 0.58
N GLY A 29 9.56 9.60 -0.61
CA GLY A 29 10.34 10.80 -0.85
C GLY A 29 11.63 10.42 -1.51
N LYS A 30 11.59 10.32 -2.81
CA LYS A 30 12.73 9.86 -3.61
C LYS A 30 12.81 10.59 -4.95
N GLY A 31 11.90 10.28 -5.85
CA GLY A 31 12.00 10.79 -7.22
C GLY A 31 11.05 11.92 -7.56
N LYS A 32 10.01 11.60 -8.29
CA LYS A 32 9.04 12.58 -8.73
C LYS A 32 7.63 12.09 -8.48
N CYS A 33 6.75 13.04 -8.21
CA CYS A 33 5.37 12.84 -7.77
C CYS A 33 4.68 14.16 -7.63
N THR A 34 3.39 14.11 -7.54
CA THR A 34 2.59 15.27 -7.45
C THR A 34 2.00 15.35 -6.02
N PRO A 35 1.96 16.56 -5.38
CA PRO A 35 1.45 16.75 -3.98
C PRO A 35 0.11 16.08 -3.71
N GLU A 36 -0.88 16.39 -4.54
CA GLU A 36 -2.22 15.82 -4.43
C GLU A 36 -2.16 14.29 -4.51
N GLY A 37 -1.30 13.82 -5.39
CA GLY A 37 -1.09 12.42 -5.56
C GLY A 37 -0.51 11.80 -4.32
N LYS A 38 0.40 12.52 -3.68
CA LYS A 38 1.04 12.02 -2.47
C LYS A 38 0.03 11.86 -1.34
N GLU A 39 -0.98 12.71 -1.31
CA GLU A 39 -1.92 12.71 -0.22
C GLU A 39 -2.83 11.53 -0.32
N LEU A 40 -3.28 11.28 -1.53
CA LEU A 40 -4.19 10.20 -1.77
C LEU A 40 -3.49 8.86 -1.53
N LYS A 41 -2.24 8.77 -1.98
CA LYS A 41 -1.46 7.56 -1.85
C LYS A 41 -1.03 7.33 -0.42
N ASP A 42 -0.66 8.37 0.29
CA ASP A 42 -0.20 8.25 1.69
C ASP A 42 -1.28 7.65 2.55
N HIS A 43 -2.49 8.21 2.48
CA HIS A 43 -3.64 7.73 3.28
C HIS A 43 -4.02 6.30 2.91
N LEU A 44 -3.95 6.02 1.64
CA LEU A 44 -4.38 4.76 1.11
C LEU A 44 -3.38 3.64 1.39
N GLN A 45 -2.13 3.84 1.01
CA GLN A 45 -1.09 2.85 1.27
C GLN A 45 -0.89 2.65 2.81
N GLU A 46 -1.26 3.67 3.58
CA GLU A 46 -1.30 3.59 5.05
C GLU A 46 -2.37 2.57 5.47
N ALA A 47 -3.54 2.67 4.84
CA ALA A 47 -4.70 1.83 5.11
C ALA A 47 -4.42 0.39 4.74
N LEU A 48 -3.43 0.22 3.89
CA LEU A 48 -3.00 -1.08 3.45
C LEU A 48 -2.53 -1.92 4.64
N GLU A 49 -1.65 -1.35 5.47
CA GLU A 49 -1.09 -2.15 6.53
C GLU A 49 -1.60 -1.81 7.95
N THR A 50 -0.83 -1.10 8.71
CA THR A 50 -1.16 -0.91 10.12
C THR A 50 -1.72 0.49 10.35
N GLY A 51 -2.13 1.10 9.27
CA GLY A 51 -2.63 2.43 9.34
C GLY A 51 -4.09 2.47 9.70
N CYS A 52 -4.92 2.73 8.75
CA CYS A 52 -6.33 2.84 9.02
C CYS A 52 -7.16 2.33 7.85
N GLU A 53 -7.47 1.05 7.90
CA GLU A 53 -8.24 0.37 6.86
C GLU A 53 -9.69 0.89 6.81
N LYS A 54 -10.26 1.11 7.97
CA LYS A 54 -11.65 1.52 8.12
C LYS A 54 -11.87 3.03 8.08
N CYS A 55 -10.90 3.75 7.55
CA CYS A 55 -10.99 5.21 7.49
C CYS A 55 -12.03 5.77 6.51
N THR A 56 -11.61 6.24 5.37
CA THR A 56 -12.51 6.84 4.43
C THR A 56 -12.94 5.81 3.41
N GLU A 57 -13.78 6.18 2.47
CA GLU A 57 -14.20 5.26 1.43
C GLU A 57 -13.03 5.03 0.49
N ALA A 58 -12.28 6.10 0.27
CA ALA A 58 -11.08 6.07 -0.56
C ALA A 58 -10.06 5.15 0.06
N GLN A 59 -9.84 5.31 1.35
CA GLN A 59 -8.92 4.47 2.07
C GLN A 59 -9.36 3.03 2.14
N GLU A 60 -10.63 2.78 2.45
CA GLU A 60 -11.09 1.38 2.53
C GLU A 60 -10.98 0.63 1.18
N LYS A 61 -11.51 1.22 0.08
CA LYS A 61 -11.41 0.63 -1.29
C LYS A 61 -9.94 0.46 -1.68
N GLY A 62 -9.18 1.40 -1.25
CA GLY A 62 -7.81 1.52 -1.61
C GLY A 62 -6.97 0.54 -0.88
N ALA A 63 -7.31 0.34 0.38
CA ALA A 63 -6.66 -0.64 1.20
C ALA A 63 -6.79 -1.98 0.55
N GLU A 64 -8.03 -2.34 0.22
CA GLU A 64 -8.34 -3.64 -0.43
C GLU A 64 -7.45 -3.86 -1.65
N THR A 65 -7.36 -2.85 -2.46
CA THR A 65 -6.62 -2.88 -3.70
C THR A 65 -5.10 -3.01 -3.45
N SER A 66 -4.60 -2.20 -2.58
CA SER A 66 -3.21 -2.21 -2.29
C SER A 66 -2.75 -3.44 -1.49
N ILE A 67 -3.59 -3.94 -0.62
CA ILE A 67 -3.34 -5.16 0.14
C ILE A 67 -3.20 -6.31 -0.85
N ASP A 68 -4.01 -6.27 -1.90
CA ASP A 68 -4.03 -7.31 -2.92
C ASP A 68 -2.70 -7.39 -3.67
N TYR A 69 -2.25 -6.32 -4.32
CA TYR A 69 -1.05 -6.52 -5.15
C TYR A 69 0.25 -6.64 -4.32
N LEU A 70 0.29 -5.99 -3.17
CA LEU A 70 1.46 -5.99 -2.35
C LEU A 70 1.73 -7.39 -1.79
N ILE A 71 0.74 -8.00 -1.19
CA ILE A 71 0.94 -9.31 -0.58
C ILE A 71 1.13 -10.40 -1.65
N LYS A 72 0.54 -10.19 -2.80
CA LYS A 72 0.56 -11.19 -3.86
C LYS A 72 1.74 -11.04 -4.80
N ASN A 73 2.48 -9.97 -4.67
CA ASN A 73 3.67 -9.81 -5.49
C ASN A 73 4.82 -9.24 -4.69
N GLU A 74 4.59 -8.09 -4.08
CA GLU A 74 5.71 -7.35 -3.51
C GLU A 74 5.81 -7.48 -1.99
N LEU A 75 6.25 -8.63 -1.60
CA LEU A 75 6.33 -9.03 -0.20
C LEU A 75 7.42 -8.28 0.59
N GLU A 76 8.54 -7.95 -0.03
CA GLU A 76 9.63 -7.29 0.71
C GLU A 76 9.23 -5.86 1.00
N ILE A 77 8.47 -5.29 0.09
CA ILE A 77 7.96 -3.95 0.24
C ILE A 77 7.02 -3.92 1.43
N TRP A 78 6.18 -4.95 1.54
CA TRP A 78 5.27 -5.07 2.68
C TRP A 78 6.02 -4.98 3.98
N LYS A 79 7.11 -5.71 4.04
CA LYS A 79 7.94 -5.77 5.23
C LYS A 79 8.52 -4.41 5.59
N GLU A 80 8.77 -3.58 4.58
CA GLU A 80 9.24 -2.22 4.81
C GLU A 80 8.14 -1.37 5.48
N LEU A 81 6.90 -1.54 5.03
CA LEU A 81 5.77 -0.84 5.65
C LEU A 81 5.58 -1.32 7.06
N THR A 82 5.69 -2.62 7.23
CA THR A 82 5.64 -3.24 8.55
C THR A 82 6.68 -2.60 9.46
N ALA A 83 7.93 -2.53 8.99
CA ALA A 83 9.02 -1.93 9.75
C ALA A 83 8.78 -0.44 10.04
N HIS A 84 7.97 0.19 9.22
CA HIS A 84 7.65 1.61 9.37
C HIS A 84 6.56 1.82 10.43
N PHE A 85 5.53 0.99 10.41
CA PHE A 85 4.41 1.14 11.33
C PHE A 85 4.60 0.33 12.61
N ASP A 86 4.61 -0.96 12.48
CA ASP A 86 4.74 -1.85 13.62
C ASP A 86 5.84 -2.85 13.32
N PRO A 87 7.08 -2.48 13.61
CA PRO A 87 8.23 -3.31 13.29
C PRO A 87 8.34 -4.53 14.21
N ASP A 88 7.47 -4.59 15.18
CA ASP A 88 7.42 -5.69 16.12
C ASP A 88 6.72 -6.88 15.51
N GLY A 89 5.93 -6.60 14.49
CA GLY A 89 5.19 -7.64 13.82
C GLY A 89 4.05 -8.11 14.69
N LYS A 90 3.47 -7.17 15.40
CA LYS A 90 2.40 -7.44 16.32
C LYS A 90 1.09 -7.65 15.59
N TRP A 91 0.77 -6.72 14.73
CA TRP A 91 -0.52 -6.72 14.05
C TRP A 91 -0.50 -7.60 12.82
N ARG A 92 0.29 -8.64 12.92
CA ARG A 92 0.40 -9.66 11.90
C ARG A 92 -0.94 -10.38 11.79
N LYS A 93 -1.67 -10.40 12.90
CA LYS A 93 -2.95 -11.01 12.94
C LYS A 93 -4.02 -10.10 12.32
N LYS A 94 -3.78 -8.80 12.34
CA LYS A 94 -4.71 -7.90 11.71
C LYS A 94 -4.45 -7.95 10.21
N TYR A 95 -3.18 -8.16 9.87
CA TYR A 95 -2.74 -8.43 8.50
C TYR A 95 -3.40 -9.72 8.01
N GLU A 96 -3.37 -10.72 8.87
CA GLU A 96 -4.02 -12.02 8.67
C GLU A 96 -5.51 -11.80 8.36
N ASP A 97 -6.15 -11.03 9.25
CA ASP A 97 -7.57 -10.63 9.13
C ASP A 97 -7.83 -9.93 7.79
N ARG A 98 -7.07 -8.91 7.51
CA ARG A 98 -7.19 -8.13 6.29
C ARG A 98 -7.01 -8.96 5.03
N ALA A 99 -6.01 -9.78 5.00
CA ALA A 99 -5.71 -10.55 3.84
C ALA A 99 -6.67 -11.72 3.66
N LYS A 100 -6.76 -12.57 4.65
CA LYS A 100 -7.46 -13.81 4.47
C LYS A 100 -9.00 -13.68 4.59
N ALA A 101 -9.49 -12.55 5.09
CA ALA A 101 -10.93 -12.33 5.12
C ALA A 101 -11.41 -11.76 3.80
N LYS A 102 -10.51 -11.07 3.10
CA LYS A 102 -10.85 -10.49 1.80
C LYS A 102 -10.66 -11.52 0.71
N GLY A 103 -9.88 -12.53 1.01
CA GLY A 103 -9.66 -13.59 0.06
C GLY A 103 -8.30 -13.53 -0.57
N ILE A 104 -7.38 -12.88 0.09
CA ILE A 104 -6.02 -12.82 -0.40
C ILE A 104 -5.33 -14.12 -0.06
N VAL A 105 -4.76 -14.75 -1.06
CA VAL A 105 -4.11 -16.01 -0.89
C VAL A 105 -2.80 -15.90 -0.07
N ILE A 106 -2.91 -16.24 1.20
CA ILE A 106 -1.80 -16.34 2.09
C ILE A 106 -1.97 -17.68 2.77
N PRO A 107 -0.93 -18.29 3.24
CA PRO A 107 -1.03 -19.58 3.87
C PRO A 107 -1.32 -19.52 5.36
N GLU A 108 -2.08 -20.46 5.81
CA GLU A 108 -2.38 -20.61 7.20
C GLU A 108 -2.23 -22.07 7.53
N TYR A 1 2.08 11.41 -14.36
CA TYR A 1 1.30 12.61 -14.63
C TYR A 1 0.19 12.28 -15.62
N THR A 2 -0.23 11.03 -15.56
CA THR A 2 -1.26 10.41 -16.34
C THR A 2 -1.11 8.88 -16.15
N ASP A 3 -1.66 8.38 -15.02
CA ASP A 3 -1.67 6.93 -14.64
C ASP A 3 -0.26 6.45 -14.24
N LYS A 4 0.63 7.37 -13.88
CA LYS A 4 2.06 7.05 -13.69
C LYS A 4 2.75 8.02 -12.73
N TYR A 5 3.10 7.52 -11.54
CA TYR A 5 3.83 8.28 -10.47
C TYR A 5 3.18 9.57 -10.07
N ASP A 6 1.94 9.70 -10.37
CA ASP A 6 1.23 10.92 -10.11
C ASP A 6 0.30 10.84 -8.91
N LYS A 7 -0.77 10.19 -9.11
CA LYS A 7 -1.93 10.29 -8.24
C LYS A 7 -2.85 9.11 -8.55
N ILE A 8 -3.43 9.13 -9.75
CA ILE A 8 -4.43 8.16 -10.23
C ILE A 8 -3.72 6.93 -10.75
N ASN A 9 -2.78 6.51 -10.00
CA ASN A 9 -1.85 5.51 -10.43
C ASN A 9 -1.62 4.43 -9.34
N LEU A 10 -2.48 4.33 -8.32
CA LEU A 10 -2.20 3.47 -7.13
C LEU A 10 -1.93 2.04 -7.53
N GLN A 11 -2.92 1.45 -8.12
CA GLN A 11 -2.84 0.11 -8.57
C GLN A 11 -2.04 0.03 -9.86
N GLU A 12 -2.01 1.15 -10.60
CA GLU A 12 -1.38 1.17 -11.93
C GLU A 12 0.11 1.01 -11.76
N ILE A 13 0.56 1.49 -10.64
CA ILE A 13 1.90 1.39 -10.22
C ILE A 13 2.14 0.08 -9.50
N LEU A 14 1.36 -0.16 -8.42
CA LEU A 14 1.53 -1.31 -7.54
C LEU A 14 1.69 -2.65 -8.26
N GLU A 15 1.04 -2.80 -9.40
CA GLU A 15 1.09 -4.04 -10.13
C GLU A 15 2.47 -4.31 -10.79
N ASN A 16 3.37 -3.32 -10.77
CA ASN A 16 4.71 -3.47 -11.36
C ASN A 16 5.73 -2.81 -10.46
N LYS A 17 6.72 -3.56 -9.97
CA LYS A 17 7.70 -2.97 -9.04
C LYS A 17 8.58 -1.87 -9.66
N ARG A 18 8.80 -1.88 -10.96
CA ARG A 18 9.57 -0.80 -11.57
C ARG A 18 8.72 0.49 -11.60
N LEU A 19 7.43 0.31 -11.78
CA LEU A 19 6.53 1.43 -11.72
C LEU A 19 6.35 1.83 -10.26
N LEU A 20 6.50 0.86 -9.37
CA LEU A 20 6.41 1.09 -7.94
C LEU A 20 7.51 2.03 -7.56
N GLU A 21 8.67 1.75 -8.11
CA GLU A 21 9.84 2.57 -8.00
C GLU A 21 9.58 4.01 -8.48
N SER A 22 8.70 4.15 -9.46
CA SER A 22 8.30 5.46 -9.93
C SER A 22 7.51 6.26 -8.83
N TYR A 23 6.37 5.72 -8.28
CA TYR A 23 5.63 6.52 -7.25
C TYR A 23 6.22 6.29 -5.85
N MET A 24 7.35 5.62 -5.82
CA MET A 24 8.07 5.35 -4.60
C MET A 24 8.46 6.67 -3.93
N ASP A 25 8.47 7.75 -4.71
CA ASP A 25 8.67 9.11 -4.18
C ASP A 25 7.68 9.44 -3.12
N CYS A 26 6.46 9.24 -3.40
CA CYS A 26 5.46 9.59 -2.50
C CYS A 26 5.29 8.59 -1.38
N VAL A 27 5.62 7.32 -1.65
CA VAL A 27 5.56 6.34 -0.59
C VAL A 27 6.83 6.39 0.33
N LEU A 28 8.02 6.25 -0.25
CA LEU A 28 9.26 6.26 0.54
C LEU A 28 10.05 7.58 0.40
N GLY A 29 10.00 8.15 -0.79
CA GLY A 29 10.75 9.39 -1.05
C GLY A 29 11.82 9.23 -2.13
N LYS A 30 11.53 8.45 -3.19
CA LYS A 30 12.52 8.22 -4.24
C LYS A 30 12.30 9.04 -5.56
N GLY A 31 11.26 8.69 -6.33
CA GLY A 31 11.02 9.31 -7.67
C GLY A 31 10.41 10.72 -7.66
N LYS A 32 9.22 10.90 -8.26
CA LYS A 32 8.56 12.22 -8.30
C LYS A 32 7.02 12.17 -8.55
N CYS A 33 6.28 12.20 -7.48
CA CYS A 33 4.81 12.30 -7.53
C CYS A 33 4.41 13.75 -7.25
N THR A 34 3.12 14.03 -7.31
CA THR A 34 2.61 15.34 -7.00
C THR A 34 2.34 15.42 -5.48
N PRO A 35 2.23 16.64 -4.90
CA PRO A 35 1.93 16.84 -3.48
C PRO A 35 0.62 16.17 -3.04
N GLU A 36 -0.38 16.18 -3.91
CA GLU A 36 -1.63 15.53 -3.61
C GLU A 36 -1.43 14.02 -3.62
N GLY A 37 -0.59 13.56 -4.55
CA GLY A 37 -0.25 12.15 -4.62
C GLY A 37 0.48 11.72 -3.36
N LYS A 38 1.33 12.60 -2.87
CA LYS A 38 2.04 12.42 -1.59
C LYS A 38 1.07 12.11 -0.46
N GLU A 39 0.01 12.89 -0.39
CA GLU A 39 -0.95 12.82 0.70
C GLU A 39 -1.75 11.55 0.56
N LEU A 40 -2.29 11.38 -0.62
CA LEU A 40 -3.10 10.26 -1.02
C LEU A 40 -2.46 8.91 -0.67
N LYS A 41 -1.27 8.69 -1.17
CA LYS A 41 -0.62 7.39 -1.06
C LYS A 41 -0.11 7.14 0.32
N ASP A 42 0.21 8.21 1.03
CA ASP A 42 0.63 8.11 2.40
C ASP A 42 -0.47 7.48 3.23
N HIS A 43 -1.69 7.97 3.06
CA HIS A 43 -2.84 7.49 3.83
C HIS A 43 -3.39 6.19 3.26
N LEU A 44 -3.43 6.06 1.95
CA LEU A 44 -4.01 4.88 1.29
C LEU A 44 -3.12 3.64 1.52
N GLN A 45 -1.84 3.78 1.25
CA GLN A 45 -0.92 2.70 1.53
C GLN A 45 -0.77 2.47 3.05
N GLU A 46 -1.03 3.50 3.86
CA GLU A 46 -1.08 3.30 5.31
C GLU A 46 -2.36 2.51 5.69
N ALA A 47 -3.43 2.70 4.93
CA ALA A 47 -4.68 1.94 5.17
C ALA A 47 -4.42 0.45 4.98
N LEU A 48 -3.46 0.15 4.13
CA LEU A 48 -2.93 -1.21 3.97
C LEU A 48 -2.30 -1.73 5.30
N GLU A 49 -1.69 -0.84 6.03
CA GLU A 49 -1.06 -1.21 7.28
C GLU A 49 -1.89 -0.78 8.50
N THR A 50 -1.62 0.36 9.09
CA THR A 50 -2.29 0.71 10.34
C THR A 50 -2.92 2.11 10.26
N GLY A 51 -3.33 2.46 9.08
CA GLY A 51 -4.01 3.70 8.88
C GLY A 51 -5.46 3.56 9.14
N CYS A 52 -6.23 3.79 8.13
CA CYS A 52 -7.64 3.71 8.26
C CYS A 52 -8.28 3.24 6.98
N GLU A 53 -8.64 1.98 6.96
CA GLU A 53 -9.35 1.40 5.85
C GLU A 53 -10.75 1.98 5.78
N LYS A 54 -11.51 1.73 6.85
CA LYS A 54 -12.96 2.05 6.98
C LYS A 54 -13.30 3.54 7.02
N CYS A 55 -12.41 4.35 6.57
CA CYS A 55 -12.59 5.77 6.54
C CYS A 55 -13.44 6.24 5.37
N THR A 56 -12.80 6.66 4.32
CA THR A 56 -13.49 7.17 3.17
C THR A 56 -13.58 6.02 2.21
N GLU A 57 -14.57 5.97 1.33
CA GLU A 57 -14.70 4.86 0.41
C GLU A 57 -13.46 4.76 -0.50
N ALA A 58 -12.86 5.91 -0.82
CA ALA A 58 -11.60 5.93 -1.58
C ALA A 58 -10.48 5.26 -0.79
N GLN A 59 -10.53 5.40 0.53
CA GLN A 59 -9.52 4.78 1.39
C GLN A 59 -9.83 3.32 1.55
N GLU A 60 -11.09 3.00 1.83
CA GLU A 60 -11.53 1.59 1.93
C GLU A 60 -11.15 0.80 0.70
N LYS A 61 -11.60 1.27 -0.43
CA LYS A 61 -11.35 0.63 -1.72
C LYS A 61 -9.86 0.70 -2.07
N GLY A 62 -9.22 1.79 -1.68
CA GLY A 62 -7.81 1.96 -1.92
C GLY A 62 -7.01 0.96 -1.11
N ALA A 63 -7.44 0.74 0.10
CA ALA A 63 -6.81 -0.20 0.99
C ALA A 63 -6.86 -1.58 0.40
N GLU A 64 -8.03 -2.03 0.01
CA GLU A 64 -8.19 -3.39 -0.50
C GLU A 64 -7.43 -3.64 -1.82
N THR A 65 -7.31 -2.63 -2.66
CA THR A 65 -6.58 -2.78 -3.91
C THR A 65 -5.06 -2.86 -3.60
N SER A 66 -4.62 -2.02 -2.67
CA SER A 66 -3.26 -2.04 -2.22
C SER A 66 -2.97 -3.40 -1.56
N ILE A 67 -3.88 -3.85 -0.71
CA ILE A 67 -3.75 -5.10 0.02
C ILE A 67 -3.67 -6.28 -0.93
N ASP A 68 -4.54 -6.29 -1.92
CA ASP A 68 -4.62 -7.39 -2.86
C ASP A 68 -3.29 -7.62 -3.57
N TYR A 69 -2.81 -6.62 -4.27
CA TYR A 69 -1.64 -6.87 -5.05
C TYR A 69 -0.35 -6.84 -4.23
N LEU A 70 -0.25 -5.88 -3.31
CA LEU A 70 0.96 -5.74 -2.55
C LEU A 70 1.20 -6.96 -1.66
N ILE A 71 0.15 -7.47 -1.01
CA ILE A 71 0.32 -8.67 -0.17
C ILE A 71 0.71 -9.89 -1.01
N LYS A 72 0.12 -10.04 -2.21
CA LYS A 72 0.45 -11.22 -3.00
C LYS A 72 1.64 -11.02 -3.95
N ASN A 73 2.32 -9.87 -3.87
CA ASN A 73 3.51 -9.66 -4.73
C ASN A 73 4.68 -9.02 -3.96
N GLU A 74 4.43 -7.87 -3.40
CA GLU A 74 5.47 -7.06 -2.78
C GLU A 74 5.35 -7.08 -1.26
N LEU A 75 5.26 -8.28 -0.71
CA LEU A 75 5.07 -8.48 0.73
C LEU A 75 6.17 -7.79 1.55
N GLU A 76 7.36 -7.69 0.97
CA GLU A 76 8.48 -7.05 1.63
C GLU A 76 8.23 -5.57 1.83
N ILE A 77 7.50 -4.96 0.90
CA ILE A 77 7.18 -3.54 0.98
C ILE A 77 6.19 -3.33 2.12
N TRP A 78 5.32 -4.31 2.31
CA TRP A 78 4.36 -4.30 3.39
C TRP A 78 5.10 -4.33 4.71
N LYS A 79 6.08 -5.23 4.79
CA LYS A 79 6.91 -5.40 5.99
C LYS A 79 7.62 -4.11 6.36
N GLU A 80 7.93 -3.30 5.37
CA GLU A 80 8.56 -2.04 5.59
C GLU A 80 7.57 -0.99 6.10
N LEU A 81 6.32 -1.09 5.69
CA LEU A 81 5.29 -0.20 6.22
C LEU A 81 4.99 -0.63 7.65
N THR A 82 5.08 -1.93 7.87
CA THR A 82 4.97 -2.50 9.17
C THR A 82 6.09 -1.94 10.06
N ALA A 83 7.31 -1.95 9.54
CA ALA A 83 8.48 -1.43 10.25
C ALA A 83 8.37 0.09 10.48
N HIS A 84 7.68 0.77 9.58
CA HIS A 84 7.46 2.21 9.67
C HIS A 84 6.61 2.54 10.90
N PHE A 85 5.55 1.79 11.11
CA PHE A 85 4.67 2.09 12.22
C PHE A 85 4.88 1.18 13.44
N ASP A 86 4.78 -0.12 13.25
CA ASP A 86 4.83 -1.05 14.39
C ASP A 86 5.39 -2.42 13.96
N PRO A 87 6.73 -2.56 13.99
CA PRO A 87 7.39 -3.83 13.65
C PRO A 87 7.32 -4.89 14.73
N ASP A 88 7.19 -4.45 15.97
CA ASP A 88 7.31 -5.36 17.12
C ASP A 88 5.93 -5.82 17.61
N GLY A 89 4.96 -5.77 16.74
CA GLY A 89 3.63 -6.21 17.09
C GLY A 89 3.47 -7.71 16.93
N LYS A 90 2.24 -8.17 16.80
CA LYS A 90 1.97 -9.58 16.63
C LYS A 90 2.45 -10.03 15.26
N TRP A 91 2.40 -9.09 14.28
CA TRP A 91 2.91 -9.25 12.89
C TRP A 91 2.05 -10.24 12.11
N ARG A 92 2.09 -11.50 12.53
CA ARG A 92 1.34 -12.60 11.93
C ARG A 92 -0.15 -12.28 11.87
N LYS A 93 -0.62 -11.60 12.90
CA LYS A 93 -2.01 -11.22 13.00
C LYS A 93 -2.39 -10.22 11.92
N LYS A 94 -1.48 -9.30 11.62
CA LYS A 94 -1.72 -8.31 10.57
C LYS A 94 -1.76 -9.01 9.23
N TYR A 95 -0.82 -9.90 9.05
CA TYR A 95 -0.66 -10.67 7.83
C TYR A 95 -1.95 -11.45 7.53
N GLU A 96 -2.52 -12.08 8.56
CA GLU A 96 -3.78 -12.79 8.41
C GLU A 96 -4.95 -11.82 8.23
N ASP A 97 -4.93 -10.75 9.02
CA ASP A 97 -5.99 -9.73 9.01
C ASP A 97 -6.17 -9.12 7.62
N ARG A 98 -5.09 -8.60 7.07
CA ARG A 98 -5.12 -7.92 5.79
C ARG A 98 -5.43 -8.89 4.65
N ALA A 99 -4.69 -9.98 4.60
CA ALA A 99 -4.80 -10.93 3.50
C ALA A 99 -6.11 -11.71 3.53
N LYS A 100 -6.39 -12.36 4.64
CA LYS A 100 -7.52 -13.27 4.70
C LYS A 100 -8.85 -12.54 4.66
N ALA A 101 -8.90 -11.28 5.14
CA ALA A 101 -10.16 -10.52 5.09
C ALA A 101 -10.57 -10.22 3.65
N LYS A 102 -9.60 -10.06 2.77
CA LYS A 102 -9.88 -9.72 1.39
C LYS A 102 -10.05 -10.97 0.55
N GLY A 103 -9.35 -12.02 0.93
CA GLY A 103 -9.42 -13.26 0.18
C GLY A 103 -8.10 -13.56 -0.49
N ILE A 104 -7.04 -13.08 0.10
CA ILE A 104 -5.73 -13.30 -0.40
C ILE A 104 -5.17 -14.49 0.33
N VAL A 105 -4.94 -15.56 -0.39
CA VAL A 105 -4.38 -16.74 0.20
C VAL A 105 -2.86 -16.62 0.22
N ILE A 106 -2.28 -16.92 1.34
CA ILE A 106 -0.85 -16.73 1.53
C ILE A 106 -0.30 -17.91 2.31
N PRO A 107 1.02 -18.09 2.34
CA PRO A 107 1.63 -19.07 3.22
C PRO A 107 1.49 -18.56 4.66
N GLU A 108 0.62 -19.17 5.40
CA GLU A 108 0.34 -18.80 6.76
C GLU A 108 0.87 -19.87 7.71
N TYR A 1 3.44 12.71 -17.95
CA TYR A 1 3.26 11.68 -16.94
C TYR A 1 1.96 11.94 -16.20
N THR A 2 0.96 11.16 -16.47
CA THR A 2 -0.31 11.35 -15.83
C THR A 2 -0.77 10.06 -15.15
N ASP A 3 -1.32 10.24 -13.96
CA ASP A 3 -1.93 9.18 -13.15
C ASP A 3 -0.95 8.20 -12.53
N LYS A 4 0.00 7.74 -13.27
CA LYS A 4 1.10 6.93 -12.73
C LYS A 4 1.99 7.85 -11.97
N TYR A 5 2.20 7.53 -10.70
CA TYR A 5 2.88 8.40 -9.72
C TYR A 5 2.16 9.68 -9.40
N ASP A 6 1.61 10.26 -10.41
CA ASP A 6 0.80 11.43 -10.31
C ASP A 6 -0.49 11.16 -9.57
N LYS A 7 -1.18 10.03 -9.81
CA LYS A 7 -2.54 10.01 -9.27
C LYS A 7 -3.20 8.64 -8.95
N ILE A 8 -4.10 8.14 -9.82
CA ILE A 8 -4.90 6.94 -9.47
C ILE A 8 -4.26 5.65 -9.95
N ASN A 9 -2.99 5.60 -9.81
CA ASN A 9 -2.17 4.47 -10.19
C ASN A 9 -2.03 3.45 -9.08
N LEU A 10 -2.99 3.33 -8.22
CA LEU A 10 -2.79 2.57 -6.99
C LEU A 10 -2.57 1.11 -7.28
N GLN A 11 -3.22 0.65 -8.30
CA GLN A 11 -3.03 -0.68 -8.77
C GLN A 11 -1.96 -0.78 -9.83
N GLU A 12 -1.79 0.29 -10.61
CA GLU A 12 -0.89 0.23 -11.77
C GLU A 12 0.53 0.16 -11.32
N ILE A 13 0.85 1.03 -10.41
CA ILE A 13 2.15 1.14 -9.86
C ILE A 13 2.46 -0.06 -8.95
N LEU A 14 1.55 -0.36 -8.04
CA LEU A 14 1.73 -1.43 -7.05
C LEU A 14 1.99 -2.79 -7.67
N GLU A 15 1.48 -3.00 -8.86
CA GLU A 15 1.67 -4.24 -9.57
C GLU A 15 3.16 -4.55 -9.81
N ASN A 16 3.98 -3.53 -9.89
CA ASN A 16 5.38 -3.74 -10.16
C ASN A 16 6.20 -3.01 -9.13
N LYS A 17 7.12 -3.68 -8.44
CA LYS A 17 7.96 -2.99 -7.45
C LYS A 17 8.84 -1.92 -8.10
N ARG A 18 9.14 -2.15 -9.35
CA ARG A 18 9.86 -1.19 -10.16
C ARG A 18 9.00 0.07 -10.38
N LEU A 19 7.72 -0.12 -10.52
CA LEU A 19 6.82 0.98 -10.66
C LEU A 19 6.54 1.61 -9.31
N LEU A 20 6.70 0.81 -8.25
CA LEU A 20 6.61 1.32 -6.89
C LEU A 20 7.70 2.33 -6.68
N GLU A 21 8.88 1.98 -7.15
CA GLU A 21 10.01 2.87 -7.20
C GLU A 21 9.68 4.16 -7.96
N SER A 22 8.83 4.05 -8.97
CA SER A 22 8.40 5.23 -9.71
C SER A 22 7.55 6.21 -8.84
N TYR A 23 6.55 5.71 -8.07
CA TYR A 23 5.76 6.64 -7.23
C TYR A 23 6.36 6.76 -5.82
N MET A 24 7.57 6.26 -5.66
CA MET A 24 8.28 6.37 -4.40
C MET A 24 8.45 7.79 -3.91
N ASP A 25 8.35 8.78 -4.78
CA ASP A 25 8.38 10.20 -4.34
C ASP A 25 7.29 10.49 -3.37
N CYS A 26 6.14 10.05 -3.69
CA CYS A 26 5.02 10.29 -2.88
C CYS A 26 4.94 9.38 -1.67
N VAL A 27 5.43 8.16 -1.79
CA VAL A 27 5.44 7.28 -0.62
C VAL A 27 6.64 7.55 0.31
N LEU A 28 7.85 7.48 -0.22
CA LEU A 28 9.06 7.63 0.60
C LEU A 28 9.72 9.04 0.41
N GLY A 29 9.63 9.56 -0.80
CA GLY A 29 10.26 10.83 -1.15
C GLY A 29 11.43 10.64 -2.11
N LYS A 30 11.24 9.76 -3.11
CA LYS A 30 12.33 9.41 -4.04
C LYS A 30 12.17 10.00 -5.48
N GLY A 31 11.21 9.48 -6.27
CA GLY A 31 11.01 9.91 -7.69
C GLY A 31 10.33 11.26 -7.82
N LYS A 32 9.25 11.34 -8.60
CA LYS A 32 8.48 12.59 -8.70
C LYS A 32 6.98 12.39 -8.91
N CYS A 33 6.22 12.63 -7.88
CA CYS A 33 4.77 12.62 -7.94
C CYS A 33 4.32 14.07 -7.80
N THR A 34 3.05 14.33 -7.99
CA THR A 34 2.52 15.63 -7.83
C THR A 34 2.06 15.79 -6.37
N PRO A 35 1.77 17.03 -5.90
CA PRO A 35 1.29 17.27 -4.51
C PRO A 35 0.01 16.48 -4.21
N GLU A 36 -0.91 16.49 -5.17
CA GLU A 36 -2.15 15.72 -5.09
C GLU A 36 -1.82 14.26 -4.97
N GLY A 37 -0.83 13.85 -5.75
CA GLY A 37 -0.41 12.48 -5.77
C GLY A 37 0.15 12.06 -4.46
N LYS A 38 0.94 12.94 -3.88
CA LYS A 38 1.55 12.72 -2.59
C LYS A 38 0.56 12.38 -1.52
N GLU A 39 -0.40 13.23 -1.32
CA GLU A 39 -1.24 13.14 -0.17
C GLU A 39 -2.32 12.11 -0.32
N LEU A 40 -2.69 11.83 -1.55
CA LEU A 40 -3.69 10.83 -1.79
C LEU A 40 -3.12 9.47 -1.45
N LYS A 41 -1.90 9.21 -1.90
CA LYS A 41 -1.23 7.94 -1.67
C LYS A 41 -0.75 7.86 -0.25
N ASP A 42 -0.39 9.01 0.28
CA ASP A 42 0.09 9.16 1.65
C ASP A 42 -0.89 8.50 2.59
N HIS A 43 -2.15 8.90 2.50
CA HIS A 43 -3.19 8.34 3.35
C HIS A 43 -3.72 6.99 2.85
N LEU A 44 -3.64 6.74 1.57
CA LEU A 44 -4.18 5.50 1.00
C LEU A 44 -3.26 4.30 1.33
N GLN A 45 -1.98 4.46 1.06
CA GLN A 45 -1.01 3.45 1.42
C GLN A 45 -0.84 3.41 2.95
N GLU A 46 -1.16 4.54 3.61
CA GLU A 46 -1.26 4.58 5.06
C GLU A 46 -2.38 3.63 5.51
N ALA A 47 -3.55 3.75 4.89
CA ALA A 47 -4.74 2.91 5.18
C ALA A 47 -4.41 1.45 5.12
N LEU A 48 -3.49 1.12 4.22
CA LEU A 48 -2.99 -0.23 4.03
C LEU A 48 -2.51 -0.83 5.37
N GLU A 49 -1.70 -0.08 6.13
CA GLU A 49 -1.19 -0.65 7.37
C GLU A 49 -1.12 0.40 8.50
N THR A 50 -0.43 1.49 8.25
CA THR A 50 -0.07 2.46 9.26
C THR A 50 -1.23 3.35 9.72
N GLY A 51 -2.35 3.25 9.06
CA GLY A 51 -3.45 4.09 9.41
C GLY A 51 -4.73 3.36 9.54
N CYS A 52 -5.67 3.70 8.70
CA CYS A 52 -7.01 3.18 8.83
C CYS A 52 -7.59 2.73 7.50
N GLU A 53 -7.69 1.43 7.38
CA GLU A 53 -8.23 0.75 6.22
C GLU A 53 -9.64 1.22 5.94
N LYS A 54 -10.51 1.02 6.91
CA LYS A 54 -11.94 1.25 6.74
C LYS A 54 -12.38 2.70 6.96
N CYS A 55 -11.45 3.62 6.88
CA CYS A 55 -11.74 5.03 7.09
C CYS A 55 -12.78 5.62 6.11
N THR A 56 -12.34 6.10 4.97
CA THR A 56 -13.24 6.64 4.00
C THR A 56 -13.52 5.58 2.99
N GLU A 57 -14.48 5.81 2.12
CA GLU A 57 -14.73 4.89 1.05
C GLU A 57 -13.50 4.83 0.15
N ALA A 58 -12.91 5.97 -0.09
CA ALA A 58 -11.70 6.08 -0.89
C ALA A 58 -10.57 5.27 -0.26
N GLN A 59 -10.41 5.38 1.06
CA GLN A 59 -9.39 4.64 1.78
C GLN A 59 -9.69 3.15 1.86
N GLU A 60 -10.92 2.77 2.16
CA GLU A 60 -11.26 1.32 2.23
C GLU A 60 -11.04 0.62 0.90
N LYS A 61 -11.35 1.30 -0.19
CA LYS A 61 -11.17 0.73 -1.52
C LYS A 61 -9.69 0.76 -1.86
N GLY A 62 -9.02 1.80 -1.40
CA GLY A 62 -7.61 1.95 -1.65
C GLY A 62 -6.80 0.96 -0.86
N ALA A 63 -7.25 0.68 0.33
CA ALA A 63 -6.61 -0.27 1.18
C ALA A 63 -6.75 -1.66 0.59
N GLU A 64 -7.92 -1.99 0.07
CA GLU A 64 -8.14 -3.34 -0.40
C GLU A 64 -7.40 -3.61 -1.67
N THR A 65 -7.22 -2.58 -2.45
CA THR A 65 -6.48 -2.69 -3.65
C THR A 65 -4.99 -2.81 -3.34
N SER A 66 -4.53 -1.94 -2.47
CA SER A 66 -3.14 -1.91 -2.12
C SER A 66 -2.70 -3.13 -1.34
N ILE A 67 -3.52 -3.60 -0.44
CA ILE A 67 -3.21 -4.79 0.32
C ILE A 67 -3.22 -6.02 -0.59
N ASP A 68 -4.17 -6.06 -1.54
CA ASP A 68 -4.29 -7.18 -2.47
C ASP A 68 -3.03 -7.42 -3.28
N TYR A 69 -2.57 -6.42 -4.04
CA TYR A 69 -1.44 -6.72 -4.90
C TYR A 69 -0.12 -6.78 -4.14
N LEU A 70 -0.01 -5.98 -3.08
CA LEU A 70 1.19 -5.99 -2.27
C LEU A 70 1.42 -7.38 -1.66
N ILE A 71 0.40 -7.94 -1.02
CA ILE A 71 0.54 -9.27 -0.40
C ILE A 71 0.79 -10.37 -1.46
N LYS A 72 0.14 -10.25 -2.62
CA LYS A 72 0.23 -11.29 -3.63
C LYS A 72 1.47 -11.14 -4.54
N ASN A 73 2.25 -10.07 -4.37
CA ASN A 73 3.49 -9.95 -5.16
C ASN A 73 4.63 -9.34 -4.37
N GLU A 74 4.44 -8.15 -3.85
CA GLU A 74 5.52 -7.45 -3.23
C GLU A 74 5.41 -7.43 -1.72
N LEU A 75 5.80 -8.51 -1.14
CA LEU A 75 5.71 -8.68 0.28
C LEU A 75 6.92 -8.05 0.99
N GLU A 76 7.97 -7.74 0.23
CA GLU A 76 9.19 -7.20 0.81
C GLU A 76 8.93 -5.78 1.28
N ILE A 77 8.18 -5.05 0.48
CA ILE A 77 7.82 -3.68 0.82
C ILE A 77 6.75 -3.67 1.90
N TRP A 78 5.93 -4.73 1.95
CA TRP A 78 4.96 -4.87 3.02
C TRP A 78 5.71 -5.01 4.33
N LYS A 79 6.80 -5.77 4.30
CA LYS A 79 7.67 -5.94 5.46
C LYS A 79 8.23 -4.60 5.91
N GLU A 80 8.55 -3.75 4.97
CA GLU A 80 9.06 -2.43 5.27
C GLU A 80 8.00 -1.55 5.94
N LEU A 81 6.78 -1.58 5.41
CA LEU A 81 5.70 -0.76 5.98
C LEU A 81 5.32 -1.27 7.37
N THR A 82 5.32 -2.58 7.52
CA THR A 82 5.00 -3.17 8.79
C THR A 82 6.09 -2.95 9.81
N ALA A 83 7.35 -2.97 9.35
CA ALA A 83 8.49 -2.67 10.23
C ALA A 83 8.46 -1.22 10.67
N HIS A 84 7.81 -0.41 9.88
CA HIS A 84 7.65 0.98 10.16
C HIS A 84 6.58 1.17 11.24
N PHE A 85 5.57 0.32 11.25
CA PHE A 85 4.49 0.44 12.22
C PHE A 85 4.69 -0.51 13.42
N ASP A 86 4.59 -1.81 13.19
CA ASP A 86 4.75 -2.82 14.25
C ASP A 86 5.21 -4.19 13.70
N PRO A 87 6.53 -4.38 13.59
CA PRO A 87 7.11 -5.66 13.19
C PRO A 87 7.15 -6.71 14.32
N ASP A 88 7.11 -6.24 15.55
CA ASP A 88 7.45 -7.11 16.68
C ASP A 88 6.27 -7.53 17.55
N GLY A 89 5.20 -6.80 17.52
CA GLY A 89 4.06 -7.16 18.34
C GLY A 89 3.19 -8.17 17.65
N LYS A 90 2.23 -7.68 16.95
CA LYS A 90 1.35 -8.55 16.22
C LYS A 90 2.03 -9.01 14.98
N TRP A 91 2.15 -8.08 14.01
CA TRP A 91 2.72 -8.27 12.66
C TRP A 91 1.94 -9.33 11.85
N ARG A 92 1.91 -10.51 12.38
CA ARG A 92 1.27 -11.67 11.83
C ARG A 92 -0.24 -11.46 11.67
N LYS A 93 -0.86 -10.76 12.63
CA LYS A 93 -2.29 -10.44 12.53
C LYS A 93 -2.55 -9.60 11.31
N LYS A 94 -1.66 -8.66 11.05
CA LYS A 94 -1.81 -7.75 9.90
C LYS A 94 -1.86 -8.58 8.61
N TYR A 95 -0.92 -9.53 8.55
CA TYR A 95 -0.77 -10.43 7.42
C TYR A 95 -2.03 -11.29 7.23
N GLU A 96 -2.41 -12.01 8.27
CA GLU A 96 -3.54 -12.93 8.20
C GLU A 96 -4.88 -12.19 8.06
N ASP A 97 -5.10 -11.23 8.94
CA ASP A 97 -6.37 -10.50 9.04
C ASP A 97 -6.75 -9.87 7.75
N ARG A 98 -5.83 -9.14 7.15
CA ARG A 98 -6.16 -8.43 5.94
C ARG A 98 -6.16 -9.30 4.70
N ALA A 99 -5.34 -10.32 4.66
CA ALA A 99 -5.34 -11.22 3.54
C ALA A 99 -6.62 -12.04 3.50
N LYS A 100 -6.97 -12.65 4.64
CA LYS A 100 -8.11 -13.55 4.72
C LYS A 100 -9.44 -12.78 4.73
N ALA A 101 -9.40 -11.49 5.02
CA ALA A 101 -10.62 -10.66 5.04
C ALA A 101 -11.10 -10.42 3.62
N LYS A 102 -10.16 -10.40 2.69
CA LYS A 102 -10.48 -10.16 1.31
C LYS A 102 -10.51 -11.46 0.53
N GLY A 103 -9.53 -12.29 0.73
CA GLY A 103 -9.48 -13.53 0.00
C GLY A 103 -8.13 -13.81 -0.59
N ILE A 104 -7.10 -13.24 -0.01
CA ILE A 104 -5.76 -13.50 -0.46
C ILE A 104 -5.29 -14.73 0.27
N VAL A 105 -4.83 -15.71 -0.45
CA VAL A 105 -4.40 -16.93 0.15
C VAL A 105 -2.89 -16.90 0.38
N ILE A 106 -2.51 -17.20 1.59
CA ILE A 106 -1.14 -17.10 2.04
C ILE A 106 -0.83 -18.31 2.91
N PRO A 107 0.44 -18.54 3.29
CA PRO A 107 0.76 -19.51 4.33
C PRO A 107 0.03 -19.11 5.62
N GLU A 108 -0.98 -19.86 5.96
CA GLU A 108 -1.83 -19.55 7.07
C GLU A 108 -1.74 -20.58 8.18
N TYR A 1 2.49 13.65 -14.42
CA TYR A 1 1.67 14.52 -15.27
C TYR A 1 0.19 14.11 -15.23
N THR A 2 -0.16 13.06 -15.95
CA THR A 2 -1.56 12.67 -16.08
C THR A 2 -1.91 11.44 -15.28
N ASP A 3 -0.99 10.53 -15.19
CA ASP A 3 -1.23 9.23 -14.62
C ASP A 3 0.10 8.62 -14.33
N LYS A 4 0.11 7.68 -13.40
CA LYS A 4 1.30 6.96 -12.96
C LYS A 4 2.29 7.84 -12.23
N TYR A 5 2.96 7.24 -11.19
CA TYR A 5 3.89 7.91 -10.21
C TYR A 5 3.24 9.06 -9.47
N ASP A 6 2.78 9.97 -10.23
CA ASP A 6 2.19 11.22 -9.91
C ASP A 6 1.08 11.04 -8.91
N LYS A 7 0.07 10.33 -9.31
CA LYS A 7 -1.15 10.34 -8.59
C LYS A 7 -1.72 8.92 -8.30
N ILE A 8 -3.05 8.80 -8.36
CA ILE A 8 -3.88 7.58 -8.04
C ILE A 8 -3.57 6.31 -8.87
N ASN A 9 -2.34 6.06 -9.12
CA ASN A 9 -1.95 4.90 -9.90
C ASN A 9 -1.52 3.77 -8.97
N LEU A 10 -2.07 3.80 -7.78
CA LEU A 10 -1.75 2.91 -6.65
C LEU A 10 -1.64 1.45 -7.08
N GLN A 11 -2.65 1.01 -7.78
CA GLN A 11 -2.74 -0.36 -8.15
C GLN A 11 -1.79 -0.71 -9.31
N GLU A 12 -1.47 0.30 -10.13
CA GLU A 12 -0.60 0.07 -11.26
C GLU A 12 0.81 -0.07 -10.74
N ILE A 13 1.02 0.48 -9.55
CA ILE A 13 2.26 0.38 -8.86
C ILE A 13 2.48 -1.01 -8.40
N LEU A 14 1.63 -1.45 -7.48
CA LEU A 14 1.70 -2.77 -6.85
C LEU A 14 1.89 -3.89 -7.84
N GLU A 15 1.30 -3.74 -8.99
CA GLU A 15 1.34 -4.74 -10.01
C GLU A 15 2.71 -4.82 -10.76
N ASN A 16 3.54 -3.78 -10.65
CA ASN A 16 4.79 -3.73 -11.42
C ASN A 16 5.92 -3.13 -10.59
N LYS A 17 7.00 -3.88 -10.34
CA LYS A 17 8.17 -3.36 -9.60
C LYS A 17 8.72 -2.04 -10.17
N ARG A 18 8.69 -1.86 -11.50
CA ARG A 18 9.15 -0.60 -12.09
C ARG A 18 8.21 0.55 -11.71
N LEU A 19 6.95 0.24 -11.49
CA LEU A 19 6.01 1.23 -11.05
C LEU A 19 6.15 1.46 -9.56
N LEU A 20 6.59 0.42 -8.81
CA LEU A 20 6.95 0.61 -7.38
C LEU A 20 7.98 1.70 -7.34
N GLU A 21 8.97 1.52 -8.17
CA GLU A 21 10.03 2.47 -8.39
C GLU A 21 9.51 3.85 -8.79
N SER A 22 8.38 3.89 -9.51
CA SER A 22 7.82 5.13 -9.98
C SER A 22 7.19 5.97 -8.83
N TYR A 23 6.24 5.41 -8.03
CA TYR A 23 5.65 6.26 -6.97
C TYR A 23 6.45 6.17 -5.65
N MET A 24 7.61 5.55 -5.72
CA MET A 24 8.51 5.49 -4.57
C MET A 24 8.89 6.85 -4.03
N ASP A 25 8.78 7.88 -4.86
CA ASP A 25 9.03 9.27 -4.41
C ASP A 25 8.21 9.64 -3.23
N CYS A 26 6.95 9.47 -3.37
CA CYS A 26 6.04 9.87 -2.39
C CYS A 26 5.96 8.89 -1.24
N VAL A 27 6.19 7.62 -1.52
CA VAL A 27 6.18 6.63 -0.45
C VAL A 27 7.52 6.58 0.33
N LEU A 28 8.64 6.36 -0.36
CA LEU A 28 9.93 6.23 0.32
C LEU A 28 10.81 7.49 0.17
N GLY A 29 10.69 8.13 -0.97
CA GLY A 29 11.50 9.29 -1.29
C GLY A 29 12.50 8.98 -2.41
N LYS A 30 12.01 8.40 -3.53
CA LYS A 30 12.91 8.06 -4.64
C LYS A 30 12.57 8.77 -5.98
N GLY A 31 11.51 8.30 -6.67
CA GLY A 31 11.16 8.82 -8.02
C GLY A 31 10.51 10.20 -8.02
N LYS A 32 9.33 10.34 -8.62
CA LYS A 32 8.62 11.62 -8.62
C LYS A 32 7.10 11.49 -8.70
N CYS A 33 6.42 11.82 -7.63
CA CYS A 33 4.96 11.90 -7.59
C CYS A 33 4.57 13.39 -7.48
N THR A 34 3.30 13.68 -7.30
CA THR A 34 2.86 15.04 -7.02
C THR A 34 2.43 15.17 -5.55
N PRO A 35 2.33 16.42 -5.01
CA PRO A 35 1.85 16.67 -3.64
C PRO A 35 0.50 15.99 -3.36
N GLU A 36 -0.46 16.11 -4.30
CA GLU A 36 -1.79 15.48 -4.15
C GLU A 36 -1.64 13.97 -3.99
N GLY A 37 -0.62 13.45 -4.67
CA GLY A 37 -0.32 12.08 -4.64
C GLY A 37 0.19 11.67 -3.31
N LYS A 38 1.06 12.48 -2.73
CA LYS A 38 1.63 12.19 -1.43
C LYS A 38 0.55 12.14 -0.37
N GLU A 39 -0.48 12.95 -0.53
CA GLU A 39 -1.52 13.03 0.46
C GLU A 39 -2.36 11.80 0.37
N LEU A 40 -2.76 11.46 -0.85
CA LEU A 40 -3.66 10.37 -1.07
C LEU A 40 -3.01 9.02 -0.67
N LYS A 41 -1.75 8.85 -1.02
CA LYS A 41 -1.04 7.60 -0.76
C LYS A 41 -0.66 7.46 0.69
N ASP A 42 -0.39 8.58 1.35
CA ASP A 42 -0.07 8.57 2.77
C ASP A 42 -1.24 7.98 3.53
N HIS A 43 -2.42 8.47 3.20
CA HIS A 43 -3.64 8.03 3.87
C HIS A 43 -4.07 6.63 3.42
N LEU A 44 -3.96 6.34 2.15
CA LEU A 44 -4.45 5.08 1.59
C LEU A 44 -3.49 3.91 1.87
N GLN A 45 -2.21 4.09 1.64
CA GLN A 45 -1.25 3.05 1.98
C GLN A 45 -1.13 2.86 3.50
N GLU A 46 -1.43 3.92 4.28
CA GLU A 46 -1.54 3.78 5.73
C GLU A 46 -2.71 2.87 6.06
N ALA A 47 -3.77 3.02 5.29
CA ALA A 47 -4.94 2.21 5.46
C ALA A 47 -4.63 0.74 5.16
N LEU A 48 -3.67 0.55 4.28
CA LEU A 48 -3.16 -0.76 3.92
C LEU A 48 -2.37 -1.39 5.08
N GLU A 49 -1.35 -0.68 5.54
CA GLU A 49 -0.42 -1.25 6.52
C GLU A 49 -0.94 -1.07 7.91
N THR A 50 -0.99 0.17 8.34
CA THR A 50 -1.38 0.55 9.66
C THR A 50 -2.82 0.10 9.94
N GLY A 51 -3.57 -0.04 8.88
CA GLY A 51 -4.89 -0.57 8.96
C GLY A 51 -5.90 0.49 9.20
N CYS A 52 -6.44 1.02 8.16
CA CYS A 52 -7.50 1.98 8.29
C CYS A 52 -8.65 1.61 7.40
N GLU A 53 -9.49 0.72 7.91
CA GLU A 53 -10.67 0.27 7.17
C GLU A 53 -11.80 1.26 7.46
N LYS A 54 -11.55 2.11 8.43
CA LYS A 54 -12.48 3.12 8.87
C LYS A 54 -12.27 4.42 8.08
N CYS A 55 -11.40 4.37 7.12
CA CYS A 55 -11.10 5.54 6.30
C CYS A 55 -12.25 5.88 5.35
N THR A 56 -12.07 6.91 4.58
CA THR A 56 -13.10 7.40 3.66
C THR A 56 -13.28 6.38 2.52
N GLU A 57 -14.45 6.38 1.87
CA GLU A 57 -14.86 5.39 0.86
C GLU A 57 -13.76 4.99 -0.16
N ALA A 58 -13.14 5.97 -0.80
CA ALA A 58 -12.12 5.66 -1.81
C ALA A 58 -10.87 5.12 -1.16
N GLN A 59 -10.61 5.59 0.04
CA GLN A 59 -9.45 5.17 0.79
C GLN A 59 -9.63 3.77 1.32
N GLU A 60 -10.81 3.45 1.85
CA GLU A 60 -11.06 2.13 2.41
C GLU A 60 -11.07 1.06 1.29
N LYS A 61 -11.69 1.42 0.16
CA LYS A 61 -11.79 0.53 -0.99
C LYS A 61 -10.40 0.36 -1.60
N GLY A 62 -9.73 1.48 -1.80
CA GLY A 62 -8.41 1.46 -2.35
C GLY A 62 -7.42 0.79 -1.43
N ALA A 63 -7.68 0.85 -0.14
CA ALA A 63 -6.84 0.20 0.86
C ALA A 63 -6.80 -1.27 0.62
N GLU A 64 -7.97 -1.90 0.55
CA GLU A 64 -8.02 -3.34 0.33
C GLU A 64 -7.45 -3.75 -1.02
N THR A 65 -7.66 -2.93 -2.04
CA THR A 65 -7.07 -3.18 -3.36
C THR A 65 -5.54 -3.14 -3.26
N SER A 66 -5.05 -2.23 -2.48
CA SER A 66 -3.66 -2.13 -2.26
C SER A 66 -3.15 -3.32 -1.39
N ILE A 67 -3.94 -3.74 -0.43
CA ILE A 67 -3.61 -4.89 0.40
C ILE A 67 -3.50 -6.15 -0.49
N ASP A 68 -4.48 -6.31 -1.37
CA ASP A 68 -4.57 -7.46 -2.28
C ASP A 68 -3.31 -7.65 -3.10
N TYR A 69 -2.93 -6.64 -3.88
CA TYR A 69 -1.84 -6.88 -4.79
C TYR A 69 -0.49 -6.83 -4.12
N LEU A 70 -0.34 -6.00 -3.10
CA LEU A 70 0.93 -5.88 -2.43
C LEU A 70 1.30 -7.16 -1.71
N ILE A 71 0.36 -7.78 -1.03
CA ILE A 71 0.68 -9.01 -0.30
C ILE A 71 0.92 -10.16 -1.28
N LYS A 72 0.17 -10.19 -2.38
CA LYS A 72 0.29 -11.30 -3.31
C LYS A 72 1.53 -11.16 -4.22
N ASN A 73 1.98 -9.93 -4.47
CA ASN A 73 3.10 -9.70 -5.39
C ASN A 73 4.44 -9.48 -4.67
N GLU A 74 4.52 -8.48 -3.79
CA GLU A 74 5.76 -8.19 -3.08
C GLU A 74 5.47 -7.63 -1.69
N LEU A 75 5.23 -8.54 -0.76
CA LEU A 75 4.97 -8.23 0.65
C LEU A 75 6.15 -7.54 1.36
N GLU A 76 7.30 -7.50 0.70
CA GLU A 76 8.49 -6.86 1.24
C GLU A 76 8.24 -5.38 1.51
N ILE A 77 7.42 -4.76 0.69
CA ILE A 77 7.08 -3.36 0.84
C ILE A 77 6.22 -3.18 2.08
N TRP A 78 5.37 -4.17 2.33
CA TRP A 78 4.51 -4.19 3.51
C TRP A 78 5.40 -4.17 4.74
N LYS A 79 6.40 -5.05 4.74
CA LYS A 79 7.38 -5.14 5.82
C LYS A 79 8.05 -3.80 6.09
N GLU A 80 8.43 -3.11 5.03
CA GLU A 80 9.07 -1.80 5.14
C GLU A 80 8.12 -0.76 5.72
N LEU A 81 6.87 -0.81 5.30
CA LEU A 81 5.86 0.09 5.80
C LEU A 81 5.62 -0.19 7.27
N THR A 82 5.52 -1.47 7.64
CA THR A 82 5.34 -1.89 9.01
C THR A 82 6.53 -1.47 9.86
N ALA A 83 7.71 -1.53 9.28
CA ALA A 83 8.93 -1.12 9.94
C ALA A 83 8.89 0.37 10.29
N HIS A 84 8.15 1.13 9.51
CA HIS A 84 8.02 2.56 9.76
C HIS A 84 6.81 2.90 10.64
N PHE A 85 5.66 2.33 10.31
CA PHE A 85 4.41 2.68 10.98
C PHE A 85 4.14 1.86 12.25
N ASP A 86 3.95 0.56 12.12
CA ASP A 86 3.65 -0.28 13.30
C ASP A 86 4.69 -1.37 13.51
N PRO A 87 5.91 -1.05 13.95
CA PRO A 87 6.94 -2.08 14.16
C PRO A 87 6.63 -2.86 15.43
N ASP A 88 5.80 -2.25 16.26
CA ASP A 88 5.32 -2.83 17.50
C ASP A 88 4.05 -3.64 17.23
N GLY A 89 3.65 -3.66 15.97
CA GLY A 89 2.52 -4.43 15.55
C GLY A 89 2.87 -5.89 15.53
N LYS A 90 1.91 -6.75 15.40
CA LYS A 90 2.17 -8.18 15.42
C LYS A 90 2.71 -8.71 14.10
N TRP A 91 2.72 -7.88 13.05
CA TRP A 91 3.20 -8.25 11.70
C TRP A 91 2.34 -9.34 11.07
N ARG A 92 2.47 -10.54 11.55
CA ARG A 92 1.82 -11.71 11.03
C ARG A 92 0.31 -11.64 11.23
N LYS A 93 -0.10 -10.97 12.30
CA LYS A 93 -1.52 -10.81 12.59
C LYS A 93 -2.19 -9.94 11.52
N LYS A 94 -1.46 -8.94 11.04
CA LYS A 94 -1.98 -8.10 9.98
C LYS A 94 -2.11 -8.91 8.71
N TYR A 95 -1.12 -9.77 8.47
CA TYR A 95 -1.12 -10.64 7.31
C TYR A 95 -2.34 -11.55 7.30
N GLU A 96 -2.55 -12.32 8.37
CA GLU A 96 -3.68 -13.26 8.39
C GLU A 96 -5.02 -12.53 8.27
N ASP A 97 -5.15 -11.42 8.97
CA ASP A 97 -6.39 -10.68 9.02
C ASP A 97 -6.72 -10.02 7.68
N ARG A 98 -5.78 -9.25 7.18
CA ARG A 98 -6.03 -8.47 6.00
C ARG A 98 -5.98 -9.30 4.72
N ALA A 99 -5.09 -10.27 4.68
CA ALA A 99 -4.96 -11.09 3.47
C ALA A 99 -6.11 -12.07 3.35
N LYS A 100 -6.39 -12.84 4.39
CA LYS A 100 -7.42 -13.87 4.30
C LYS A 100 -8.82 -13.28 4.19
N ALA A 101 -9.01 -12.06 4.68
CA ALA A 101 -10.33 -11.42 4.57
C ALA A 101 -10.60 -10.91 3.16
N LYS A 102 -9.56 -10.52 2.46
CA LYS A 102 -9.74 -9.97 1.13
C LYS A 102 -9.53 -11.01 0.06
N GLY A 103 -9.07 -12.15 0.47
CA GLY A 103 -8.98 -13.29 -0.42
C GLY A 103 -7.58 -13.59 -0.91
N ILE A 104 -6.61 -13.21 -0.12
CA ILE A 104 -5.23 -13.45 -0.47
C ILE A 104 -4.76 -14.73 0.19
N VAL A 105 -4.50 -15.71 -0.63
CA VAL A 105 -4.05 -16.98 -0.13
C VAL A 105 -2.54 -17.00 0.12
N ILE A 106 -2.18 -16.87 1.36
CA ILE A 106 -0.81 -16.99 1.77
C ILE A 106 -0.70 -18.23 2.64
N PRO A 107 0.45 -18.89 2.67
CA PRO A 107 0.65 -20.05 3.52
C PRO A 107 0.58 -19.67 4.99
N GLU A 108 -0.48 -20.04 5.63
CA GLU A 108 -0.61 -19.78 7.03
C GLU A 108 0.07 -20.89 7.81
N TYR A 1 -2.95 11.20 -18.23
CA TYR A 1 -2.61 12.46 -17.54
C TYR A 1 -2.47 12.20 -16.05
N THR A 2 -2.97 11.09 -15.61
CA THR A 2 -2.85 10.64 -14.28
C THR A 2 -2.87 9.11 -14.35
N ASP A 3 -1.72 8.54 -14.54
CA ASP A 3 -1.62 7.12 -14.83
C ASP A 3 -0.55 6.43 -14.00
N LYS A 4 0.51 7.17 -13.66
CA LYS A 4 1.71 6.62 -13.00
C LYS A 4 2.54 7.74 -12.45
N TYR A 5 3.02 7.59 -11.20
CA TYR A 5 3.70 8.65 -10.43
C TYR A 5 2.92 9.96 -10.44
N ASP A 6 1.63 9.83 -10.64
CA ASP A 6 0.76 10.95 -10.65
C ASP A 6 -0.09 10.87 -9.44
N LYS A 7 -1.01 9.93 -9.44
CA LYS A 7 -2.05 9.92 -8.44
C LYS A 7 -2.82 8.61 -8.39
N ILE A 8 -3.78 8.39 -9.30
CA ILE A 8 -4.63 7.17 -9.28
C ILE A 8 -3.91 5.99 -9.91
N ASN A 9 -2.66 5.90 -9.64
CA ASN A 9 -1.82 4.86 -10.12
C ASN A 9 -1.53 3.84 -9.04
N LEU A 10 -2.32 3.79 -7.99
CA LEU A 10 -2.06 2.97 -6.83
C LEU A 10 -1.80 1.51 -7.21
N GLN A 11 -2.66 0.95 -8.00
CA GLN A 11 -2.48 -0.42 -8.45
C GLN A 11 -1.62 -0.44 -9.72
N GLU A 12 -1.64 0.67 -10.48
CA GLU A 12 -0.90 0.76 -11.78
C GLU A 12 0.57 0.76 -11.52
N ILE A 13 0.89 1.04 -10.31
CA ILE A 13 2.19 1.05 -9.81
C ILE A 13 2.45 -0.16 -8.93
N LEU A 14 1.55 -0.41 -7.95
CA LEU A 14 1.73 -1.48 -6.94
C LEU A 14 1.94 -2.88 -7.53
N GLU A 15 1.57 -3.05 -8.77
CA GLU A 15 1.77 -4.32 -9.42
C GLU A 15 3.28 -4.67 -9.63
N ASN A 16 4.16 -3.68 -9.54
CA ASN A 16 5.60 -3.94 -9.69
C ASN A 16 6.41 -3.02 -8.82
N LYS A 17 7.20 -3.58 -7.91
CA LYS A 17 8.18 -2.82 -7.07
C LYS A 17 8.95 -1.73 -7.82
N ARG A 18 9.34 -2.01 -9.05
CA ARG A 18 10.01 -1.00 -9.89
C ARG A 18 9.09 0.20 -10.17
N LEU A 19 7.82 -0.07 -10.28
CA LEU A 19 6.86 0.96 -10.48
C LEU A 19 6.60 1.68 -9.15
N LEU A 20 6.73 0.95 -8.02
CA LEU A 20 6.63 1.57 -6.68
C LEU A 20 7.71 2.59 -6.55
N GLU A 21 8.88 2.20 -6.98
CA GLU A 21 10.04 3.04 -7.07
C GLU A 21 9.74 4.29 -7.90
N SER A 22 8.87 4.13 -8.89
CA SER A 22 8.47 5.23 -9.74
C SER A 22 7.50 6.26 -9.04
N TYR A 23 6.58 5.82 -8.14
CA TYR A 23 5.74 6.83 -7.41
C TYR A 23 6.26 7.00 -5.98
N MET A 24 7.45 6.48 -5.77
CA MET A 24 8.10 6.49 -4.47
C MET A 24 8.36 7.90 -3.96
N ASP A 25 8.39 8.88 -4.84
CA ASP A 25 8.44 10.28 -4.41
C ASP A 25 7.20 10.64 -3.60
N CYS A 26 6.08 10.10 -4.02
CA CYS A 26 4.84 10.31 -3.30
C CYS A 26 4.89 9.59 -1.97
N VAL A 27 5.42 8.38 -1.94
CA VAL A 27 5.45 7.64 -0.68
C VAL A 27 6.64 8.06 0.23
N LEU A 28 7.86 7.99 -0.27
CA LEU A 28 9.02 8.28 0.56
C LEU A 28 9.61 9.66 0.23
N GLY A 29 9.54 10.04 -1.02
CA GLY A 29 10.14 11.29 -1.45
C GLY A 29 11.40 11.07 -2.27
N LYS A 30 11.40 10.01 -3.08
CA LYS A 30 12.57 9.68 -3.89
C LYS A 30 12.63 10.40 -5.24
N GLY A 31 11.78 10.01 -6.16
CA GLY A 31 11.89 10.49 -7.52
C GLY A 31 10.98 11.63 -7.85
N LYS A 32 9.97 11.35 -8.62
CA LYS A 32 9.02 12.34 -9.04
C LYS A 32 7.62 11.80 -8.91
N CYS A 33 6.69 12.68 -8.60
CA CYS A 33 5.32 12.34 -8.36
C CYS A 33 4.58 13.67 -8.09
N THR A 34 3.27 13.66 -7.88
CA THR A 34 2.57 14.93 -7.74
C THR A 34 2.13 15.12 -6.28
N PRO A 35 2.18 16.37 -5.75
CA PRO A 35 1.81 16.72 -4.35
C PRO A 35 0.49 16.09 -3.86
N GLU A 36 -0.57 16.26 -4.66
CA GLU A 36 -1.90 15.70 -4.34
C GLU A 36 -1.81 14.20 -4.18
N GLY A 37 -1.03 13.60 -5.07
CA GLY A 37 -0.82 12.20 -5.05
C GLY A 37 -0.07 11.78 -3.81
N LYS A 38 0.97 12.54 -3.47
CA LYS A 38 1.80 12.26 -2.29
C LYS A 38 0.97 12.14 -1.04
N GLU A 39 -0.06 12.97 -0.91
CA GLU A 39 -0.79 13.01 0.33
C GLU A 39 -1.78 11.88 0.40
N LEU A 40 -2.41 11.60 -0.73
CA LEU A 40 -3.36 10.54 -0.74
C LEU A 40 -2.69 9.17 -0.64
N LYS A 41 -1.57 9.02 -1.34
CA LYS A 41 -0.82 7.76 -1.36
C LYS A 41 -0.24 7.49 0.00
N ASP A 42 0.21 8.56 0.66
CA ASP A 42 0.70 8.50 2.03
C ASP A 42 -0.32 7.86 2.93
N HIS A 43 -1.53 8.39 2.92
CA HIS A 43 -2.58 7.90 3.80
C HIS A 43 -3.15 6.56 3.37
N LEU A 44 -3.20 6.34 2.08
CA LEU A 44 -3.80 5.14 1.52
C LEU A 44 -2.87 3.92 1.64
N GLN A 45 -1.62 4.08 1.26
CA GLN A 45 -0.66 2.99 1.40
C GLN A 45 -0.34 2.75 2.89
N GLU A 46 -0.51 3.79 3.71
CA GLU A 46 -0.40 3.65 5.16
C GLU A 46 -1.57 2.80 5.67
N ALA A 47 -2.76 3.06 5.09
CA ALA A 47 -4.01 2.34 5.42
C ALA A 47 -3.85 0.87 5.20
N LEU A 48 -3.04 0.55 4.23
CA LEU A 48 -2.67 -0.81 3.88
C LEU A 48 -2.16 -1.63 5.10
N GLU A 49 -1.50 -0.98 6.07
CA GLU A 49 -1.03 -1.71 7.23
C GLU A 49 -1.39 -1.03 8.59
N THR A 50 -0.52 -0.15 9.06
CA THR A 50 -0.63 0.35 10.44
C THR A 50 -1.33 1.70 10.46
N GLY A 51 -1.89 2.06 9.34
CA GLY A 51 -2.61 3.27 9.27
C GLY A 51 -4.01 3.06 9.65
N CYS A 52 -4.87 3.34 8.75
CA CYS A 52 -6.26 3.15 8.98
C CYS A 52 -6.96 2.63 7.73
N GLU A 53 -7.12 1.31 7.68
CA GLU A 53 -7.73 0.66 6.53
C GLU A 53 -9.24 0.83 6.54
N LYS A 54 -9.80 1.01 7.71
CA LYS A 54 -11.24 1.09 7.84
C LYS A 54 -11.74 2.54 7.86
N CYS A 55 -10.90 3.46 7.41
CA CYS A 55 -11.25 4.88 7.44
C CYS A 55 -12.32 5.33 6.44
N THR A 56 -11.93 6.03 5.40
CA THR A 56 -12.87 6.54 4.44
C THR A 56 -12.98 5.61 3.27
N GLU A 57 -13.93 5.86 2.39
CA GLU A 57 -14.17 5.05 1.20
C GLU A 57 -12.89 4.89 0.37
N ALA A 58 -12.18 5.99 0.18
CA ALA A 58 -10.96 6.00 -0.58
C ALA A 58 -9.87 5.20 0.13
N GLN A 59 -9.78 5.35 1.45
CA GLN A 59 -8.77 4.60 2.18
C GLN A 59 -9.11 3.14 2.29
N GLU A 60 -10.37 2.81 2.56
CA GLU A 60 -10.75 1.41 2.64
C GLU A 60 -10.57 0.68 1.31
N LYS A 61 -11.16 1.19 0.23
CA LYS A 61 -11.05 0.55 -1.10
C LYS A 61 -9.64 0.59 -1.60
N GLY A 62 -8.96 1.62 -1.19
CA GLY A 62 -7.60 1.83 -1.56
C GLY A 62 -6.72 0.84 -0.88
N ALA A 63 -7.02 0.61 0.38
CA ALA A 63 -6.33 -0.36 1.16
C ALA A 63 -6.55 -1.73 0.58
N GLU A 64 -7.81 -2.05 0.23
CA GLU A 64 -8.16 -3.37 -0.36
C GLU A 64 -7.24 -3.69 -1.54
N THR A 65 -7.23 -2.79 -2.51
CA THR A 65 -6.46 -2.91 -3.73
C THR A 65 -4.95 -3.04 -3.41
N SER A 66 -4.49 -2.22 -2.51
CA SER A 66 -3.11 -2.19 -2.16
C SER A 66 -2.66 -3.44 -1.38
N ILE A 67 -3.43 -3.85 -0.42
CA ILE A 67 -3.13 -5.04 0.38
C ILE A 67 -3.11 -6.28 -0.52
N ASP A 68 -4.01 -6.32 -1.48
CA ASP A 68 -4.11 -7.44 -2.42
C ASP A 68 -2.79 -7.65 -3.16
N TYR A 69 -2.31 -6.62 -3.86
CA TYR A 69 -1.10 -6.84 -4.65
C TYR A 69 0.14 -6.87 -3.77
N LEU A 70 0.07 -6.19 -2.64
CA LEU A 70 1.16 -6.16 -1.68
C LEU A 70 1.52 -7.56 -1.22
N ILE A 71 0.55 -8.26 -0.70
CA ILE A 71 0.77 -9.59 -0.14
C ILE A 71 1.13 -10.58 -1.26
N LYS A 72 0.61 -10.33 -2.44
CA LYS A 72 0.91 -11.17 -3.59
C LYS A 72 2.36 -11.02 -4.06
N ASN A 73 2.75 -9.83 -4.43
CA ASN A 73 4.04 -9.67 -5.08
C ASN A 73 5.01 -8.83 -4.28
N GLU A 74 4.49 -7.86 -3.56
CA GLU A 74 5.34 -6.86 -2.90
C GLU A 74 5.51 -7.14 -1.39
N LEU A 75 5.98 -8.34 -1.09
CA LEU A 75 6.12 -8.81 0.29
C LEU A 75 7.19 -8.01 1.08
N GLU A 76 8.24 -7.64 0.42
CA GLU A 76 9.33 -6.91 1.06
C GLU A 76 8.93 -5.46 1.28
N ILE A 77 8.01 -5.01 0.46
CA ILE A 77 7.48 -3.68 0.57
C ILE A 77 6.67 -3.61 1.85
N TRP A 78 5.91 -4.69 2.13
CA TRP A 78 5.16 -4.81 3.38
C TRP A 78 6.11 -4.66 4.55
N LYS A 79 7.22 -5.40 4.49
CA LYS A 79 8.24 -5.40 5.54
C LYS A 79 8.67 -3.98 5.89
N GLU A 80 8.91 -3.15 4.87
CA GLU A 80 9.35 -1.78 5.09
C GLU A 80 8.30 -0.89 5.76
N LEU A 81 7.06 -0.95 5.30
CA LEU A 81 6.00 -0.13 5.89
C LEU A 81 5.74 -0.54 7.32
N THR A 82 5.56 -1.82 7.52
CA THR A 82 5.35 -2.38 8.81
C THR A 82 6.51 -2.10 9.75
N ALA A 83 7.75 -2.25 9.28
CA ALA A 83 8.91 -1.97 10.13
C ALA A 83 9.00 -0.48 10.48
N HIS A 84 8.42 0.35 9.64
CA HIS A 84 8.46 1.77 9.85
C HIS A 84 7.34 2.22 10.80
N PHE A 85 6.25 1.48 10.87
CA PHE A 85 5.14 1.89 11.72
C PHE A 85 4.94 1.00 12.94
N ASP A 86 4.86 -0.29 12.74
CA ASP A 86 4.72 -1.23 13.84
C ASP A 86 5.67 -2.39 13.63
N PRO A 87 6.92 -2.21 14.05
CA PRO A 87 7.97 -3.17 13.79
C PRO A 87 7.87 -4.43 14.65
N ASP A 88 6.90 -4.44 15.54
CA ASP A 88 6.63 -5.62 16.36
C ASP A 88 5.84 -6.60 15.54
N GLY A 89 5.19 -6.08 14.49
CA GLY A 89 4.36 -6.91 13.65
C GLY A 89 3.16 -7.34 14.43
N LYS A 90 2.64 -6.43 15.22
CA LYS A 90 1.54 -6.72 16.11
C LYS A 90 0.26 -6.97 15.33
N TRP A 91 0.21 -6.41 14.16
CA TRP A 91 -0.95 -6.54 13.33
C TRP A 91 -0.75 -7.66 12.33
N ARG A 92 0.03 -8.65 12.73
CA ARG A 92 0.26 -9.85 11.92
C ARG A 92 -1.09 -10.55 11.66
N LYS A 93 -1.96 -10.47 12.66
CA LYS A 93 -3.26 -11.05 12.58
C LYS A 93 -4.18 -10.22 11.69
N LYS A 94 -3.89 -8.95 11.56
CA LYS A 94 -4.69 -8.12 10.71
C LYS A 94 -4.26 -8.36 9.28
N TYR A 95 -2.95 -8.57 9.07
CA TYR A 95 -2.39 -8.99 7.77
C TYR A 95 -3.13 -10.26 7.32
N GLU A 96 -3.20 -11.21 8.24
CA GLU A 96 -3.94 -12.47 8.11
C GLU A 96 -5.40 -12.17 7.70
N ASP A 97 -6.03 -11.31 8.48
CA ASP A 97 -7.42 -10.89 8.31
C ASP A 97 -7.68 -10.32 6.92
N ARG A 98 -6.89 -9.35 6.52
CA ARG A 98 -7.04 -8.66 5.24
C ARG A 98 -6.88 -9.64 4.08
N ALA A 99 -5.78 -10.39 4.10
CA ALA A 99 -5.44 -11.34 3.06
C ALA A 99 -6.51 -12.39 2.90
N LYS A 100 -6.94 -12.96 4.00
CA LYS A 100 -7.88 -14.04 3.95
C LYS A 100 -9.26 -13.53 3.54
N ALA A 101 -9.60 -12.32 3.95
CA ALA A 101 -10.89 -11.72 3.61
C ALA A 101 -11.00 -11.37 2.14
N LYS A 102 -9.96 -10.75 1.60
CA LYS A 102 -9.99 -10.34 0.20
C LYS A 102 -9.84 -11.50 -0.74
N GLY A 103 -9.12 -12.50 -0.32
CA GLY A 103 -8.95 -13.66 -1.14
C GLY A 103 -7.54 -13.80 -1.64
N ILE A 104 -6.61 -13.70 -0.74
CA ILE A 104 -5.23 -13.91 -1.05
C ILE A 104 -4.87 -15.27 -0.49
N VAL A 105 -4.40 -16.15 -1.35
CA VAL A 105 -4.01 -17.48 -0.94
C VAL A 105 -2.77 -17.45 -0.05
N ILE A 106 -2.98 -17.68 1.22
CA ILE A 106 -1.93 -17.72 2.19
C ILE A 106 -2.15 -18.97 3.01
N PRO A 107 -1.16 -19.41 3.79
CA PRO A 107 -1.31 -20.56 4.68
C PRO A 107 -2.53 -20.46 5.61
N GLU A 108 -3.36 -21.46 5.55
CA GLU A 108 -4.47 -21.57 6.45
C GLU A 108 -4.26 -22.77 7.36
N TYR A 1 -2.91 11.92 -17.89
CA TYR A 1 -1.62 12.44 -17.46
C TYR A 1 -1.50 12.42 -15.94
N THR A 2 -2.36 11.63 -15.31
CA THR A 2 -2.31 11.39 -13.90
C THR A 2 -1.96 9.91 -13.68
N ASP A 3 -1.52 9.34 -14.79
CA ASP A 3 -1.24 7.94 -14.96
C ASP A 3 0.20 7.63 -14.60
N LYS A 4 0.37 6.85 -13.54
CA LYS A 4 1.70 6.45 -12.99
C LYS A 4 2.45 7.63 -12.37
N TYR A 5 2.92 7.44 -11.11
CA TYR A 5 3.62 8.47 -10.27
C TYR A 5 2.84 9.75 -9.99
N ASP A 6 1.91 10.09 -10.81
CA ASP A 6 1.15 11.27 -10.62
C ASP A 6 0.07 11.08 -9.58
N LYS A 7 -0.82 10.11 -9.79
CA LYS A 7 -2.06 10.03 -8.97
C LYS A 7 -2.73 8.67 -8.99
N ILE A 8 -3.55 8.44 -10.01
CA ILE A 8 -4.38 7.23 -10.11
C ILE A 8 -3.60 6.06 -10.65
N ASN A 9 -2.66 5.63 -9.87
CA ASN A 9 -1.79 4.58 -10.25
C ASN A 9 -1.40 3.73 -9.08
N LEU A 10 -2.16 3.70 -8.02
CA LEU A 10 -1.67 3.05 -6.82
C LEU A 10 -1.53 1.57 -6.99
N GLN A 11 -2.38 0.99 -7.79
CA GLN A 11 -2.27 -0.41 -8.11
C GLN A 11 -1.42 -0.59 -9.37
N GLU A 12 -1.42 0.45 -10.24
CA GLU A 12 -0.70 0.36 -11.52
C GLU A 12 0.77 0.33 -11.24
N ILE A 13 1.12 0.93 -10.16
CA ILE A 13 2.43 0.98 -9.68
C ILE A 13 2.72 -0.20 -8.76
N LEU A 14 1.83 -0.46 -7.78
CA LEU A 14 2.02 -1.52 -6.75
C LEU A 14 2.25 -2.90 -7.35
N GLU A 15 1.89 -3.05 -8.59
CA GLU A 15 2.08 -4.27 -9.32
C GLU A 15 3.59 -4.57 -9.62
N ASN A 16 4.45 -3.57 -9.52
CA ASN A 16 5.89 -3.78 -9.74
C ASN A 16 6.70 -2.89 -8.83
N LYS A 17 7.50 -3.47 -7.94
CA LYS A 17 8.45 -2.73 -7.05
C LYS A 17 9.25 -1.63 -7.77
N ARG A 18 9.64 -1.88 -9.00
CA ARG A 18 10.33 -0.88 -9.82
C ARG A 18 9.40 0.30 -10.16
N LEU A 19 8.14 0.01 -10.27
CA LEU A 19 7.18 1.03 -10.51
C LEU A 19 6.87 1.74 -9.19
N LEU A 20 7.07 1.04 -8.06
CA LEU A 20 6.94 1.66 -6.74
C LEU A 20 8.00 2.71 -6.64
N GLU A 21 9.18 2.36 -7.11
CA GLU A 21 10.29 3.26 -7.22
C GLU A 21 9.90 4.49 -8.06
N SER A 22 9.06 4.28 -9.06
CA SER A 22 8.57 5.35 -9.89
C SER A 22 7.68 6.36 -9.07
N TYR A 23 6.74 5.89 -8.23
CA TYR A 23 5.90 6.85 -7.43
C TYR A 23 6.43 6.94 -5.98
N MET A 24 7.66 6.52 -5.80
CA MET A 24 8.30 6.51 -4.49
C MET A 24 8.48 7.92 -3.95
N ASP A 25 8.47 8.88 -4.83
CA ASP A 25 8.50 10.28 -4.44
C ASP A 25 7.26 10.64 -3.69
N CYS A 26 6.18 10.04 -4.08
CA CYS A 26 4.91 10.30 -3.50
C CYS A 26 4.93 9.74 -2.11
N VAL A 27 5.42 8.51 -2.00
CA VAL A 27 5.39 7.82 -0.75
C VAL A 27 6.52 8.25 0.18
N LEU A 28 7.77 8.19 -0.27
CA LEU A 28 8.85 8.49 0.62
C LEU A 28 9.47 9.85 0.38
N GLY A 29 9.48 10.28 -0.85
CA GLY A 29 10.14 11.52 -1.17
C GLY A 29 11.44 11.23 -1.82
N LYS A 30 11.40 11.07 -3.12
CA LYS A 30 12.54 10.62 -3.91
C LYS A 30 12.51 11.18 -5.33
N GLY A 31 11.70 10.58 -6.18
CA GLY A 31 11.73 10.88 -7.61
C GLY A 31 10.76 11.95 -8.09
N LYS A 32 9.74 11.54 -8.82
CA LYS A 32 8.84 12.50 -9.44
C LYS A 32 7.34 12.17 -9.26
N CYS A 33 6.72 12.89 -8.35
CA CYS A 33 5.29 12.83 -8.12
C CYS A 33 4.70 14.24 -8.04
N THR A 34 3.38 14.33 -7.98
CA THR A 34 2.71 15.60 -7.84
C THR A 34 2.10 15.68 -6.41
N PRO A 35 2.08 16.89 -5.78
CA PRO A 35 1.56 17.13 -4.41
C PRO A 35 0.26 16.38 -4.07
N GLU A 36 -0.83 16.67 -4.80
CA GLU A 36 -2.13 16.02 -4.55
C GLU A 36 -2.02 14.51 -4.62
N GLY A 37 -1.20 14.05 -5.55
CA GLY A 37 -0.99 12.67 -5.72
C GLY A 37 -0.30 12.05 -4.53
N LYS A 38 0.60 12.78 -3.92
CA LYS A 38 1.36 12.27 -2.81
C LYS A 38 0.49 12.09 -1.59
N GLU A 39 -0.45 12.97 -1.39
CA GLU A 39 -1.24 12.94 -0.20
C GLU A 39 -2.28 11.88 -0.26
N LEU A 40 -2.77 11.61 -1.44
CA LEU A 40 -3.71 10.56 -1.61
C LEU A 40 -3.01 9.21 -1.40
N LYS A 41 -1.74 9.16 -1.82
CA LYS A 41 -0.93 7.96 -1.70
C LYS A 41 -0.49 7.73 -0.28
N ASP A 42 -0.20 8.81 0.43
CA ASP A 42 0.19 8.74 1.84
C ASP A 42 -0.92 8.09 2.64
N HIS A 43 -2.16 8.50 2.36
CA HIS A 43 -3.33 7.96 3.06
C HIS A 43 -3.70 6.55 2.60
N LEU A 44 -3.65 6.31 1.31
CA LEU A 44 -4.04 5.01 0.78
C LEU A 44 -3.00 3.93 1.16
N GLN A 45 -1.75 4.26 1.02
CA GLN A 45 -0.69 3.33 1.40
C GLN A 45 -0.61 3.18 2.94
N GLU A 46 -1.10 4.18 3.64
CA GLU A 46 -1.30 4.08 5.10
C GLU A 46 -2.31 2.98 5.40
N ALA A 47 -3.38 2.96 4.62
CA ALA A 47 -4.46 1.99 4.74
C ALA A 47 -3.97 0.60 4.40
N LEU A 48 -2.85 0.55 3.70
CA LEU A 48 -2.18 -0.68 3.33
C LEU A 48 -1.86 -1.55 4.53
N GLU A 49 -1.36 -0.98 5.63
CA GLU A 49 -1.04 -1.86 6.75
C GLU A 49 -1.56 -1.40 8.12
N THR A 50 -0.77 -0.68 8.84
CA THR A 50 -1.06 -0.37 10.22
C THR A 50 -1.40 1.13 10.37
N GLY A 51 -1.76 1.71 9.27
CA GLY A 51 -2.17 3.07 9.30
C GLY A 51 -3.64 3.16 9.63
N CYS A 52 -4.47 3.05 8.61
CA CYS A 52 -5.91 3.05 8.83
C CYS A 52 -6.63 2.50 7.60
N GLU A 53 -6.88 1.20 7.64
CA GLU A 53 -7.57 0.49 6.55
C GLU A 53 -9.07 0.81 6.55
N LYS A 54 -9.61 1.12 7.71
CA LYS A 54 -11.05 1.25 7.87
C LYS A 54 -11.53 2.70 7.94
N CYS A 55 -10.69 3.62 7.51
CA CYS A 55 -11.00 5.06 7.59
C CYS A 55 -12.15 5.52 6.69
N THR A 56 -11.81 6.11 5.57
CA THR A 56 -12.79 6.64 4.66
C THR A 56 -13.03 5.63 3.58
N GLU A 57 -13.99 5.90 2.71
CA GLU A 57 -14.28 5.05 1.57
C GLU A 57 -13.02 4.94 0.70
N ALA A 58 -12.35 6.07 0.54
CA ALA A 58 -11.12 6.13 -0.23
C ALA A 58 -10.03 5.28 0.40
N GLN A 59 -9.91 5.31 1.72
CA GLN A 59 -8.88 4.53 2.38
C GLN A 59 -9.26 3.07 2.52
N GLU A 60 -10.52 2.77 2.78
CA GLU A 60 -10.92 1.36 2.84
C GLU A 60 -10.82 0.68 1.47
N LYS A 61 -11.16 1.40 0.40
CA LYS A 61 -10.96 0.87 -0.95
C LYS A 61 -9.47 0.81 -1.23
N GLY A 62 -8.76 1.70 -0.58
CA GLY A 62 -7.34 1.74 -0.66
C GLY A 62 -6.72 0.48 -0.11
N ALA A 63 -7.22 0.06 1.05
CA ALA A 63 -6.78 -1.15 1.71
C ALA A 63 -6.96 -2.33 0.78
N GLU A 64 -8.15 -2.42 0.18
CA GLU A 64 -8.48 -3.50 -0.80
C GLU A 64 -7.38 -3.59 -1.87
N THR A 65 -7.07 -2.43 -2.42
CA THR A 65 -6.13 -2.28 -3.50
C THR A 65 -4.68 -2.66 -3.04
N SER A 66 -4.21 -1.96 -2.04
CA SER A 66 -2.88 -2.13 -1.54
C SER A 66 -2.62 -3.52 -1.00
N ILE A 67 -3.48 -3.97 -0.12
CA ILE A 67 -3.30 -5.24 0.53
C ILE A 67 -3.28 -6.38 -0.47
N ASP A 68 -4.09 -6.27 -1.54
CA ASP A 68 -4.10 -7.32 -2.56
C ASP A 68 -2.74 -7.45 -3.23
N TYR A 69 -2.25 -6.38 -3.86
CA TYR A 69 -1.04 -6.59 -4.64
C TYR A 69 0.22 -6.66 -3.79
N LEU A 70 0.18 -6.03 -2.63
CA LEU A 70 1.29 -6.04 -1.72
C LEU A 70 1.61 -7.44 -1.26
N ILE A 71 0.63 -8.12 -0.70
CA ILE A 71 0.89 -9.45 -0.14
C ILE A 71 1.16 -10.46 -1.26
N LYS A 72 0.60 -10.19 -2.44
CA LYS A 72 0.77 -11.07 -3.56
C LYS A 72 2.13 -10.97 -4.26
N ASN A 73 2.60 -9.77 -4.57
CA ASN A 73 3.88 -9.67 -5.31
C ASN A 73 4.94 -8.93 -4.52
N GLU A 74 4.54 -7.99 -3.71
CA GLU A 74 5.52 -7.11 -3.06
C GLU A 74 5.61 -7.38 -1.56
N LEU A 75 5.92 -8.61 -1.23
CA LEU A 75 5.94 -9.07 0.16
C LEU A 75 7.05 -8.38 0.97
N GLU A 76 8.17 -8.10 0.35
CA GLU A 76 9.26 -7.44 1.05
C GLU A 76 8.99 -5.95 1.23
N ILE A 77 8.16 -5.38 0.35
CA ILE A 77 7.73 -3.99 0.52
C ILE A 77 6.87 -3.90 1.76
N TRP A 78 6.05 -4.93 1.98
CA TRP A 78 5.24 -5.06 3.17
C TRP A 78 6.12 -4.98 4.39
N LYS A 79 7.20 -5.75 4.37
CA LYS A 79 8.17 -5.81 5.46
C LYS A 79 8.73 -4.42 5.81
N GLU A 80 9.01 -3.63 4.78
CA GLU A 80 9.54 -2.30 4.98
C GLU A 80 8.50 -1.38 5.61
N LEU A 81 7.26 -1.55 5.21
CA LEU A 81 6.20 -0.75 5.75
C LEU A 81 5.81 -1.21 7.16
N THR A 82 6.01 -2.50 7.45
CA THR A 82 5.83 -3.03 8.79
C THR A 82 6.73 -2.23 9.72
N ALA A 83 8.00 -2.14 9.33
CA ALA A 83 9.01 -1.39 10.08
C ALA A 83 8.61 0.07 10.25
N HIS A 84 7.95 0.60 9.23
CA HIS A 84 7.50 2.00 9.21
C HIS A 84 6.34 2.24 10.21
N PHE A 85 5.49 1.27 10.40
CA PHE A 85 4.34 1.45 11.28
C PHE A 85 4.52 0.74 12.62
N ASP A 86 4.46 -0.58 12.61
CA ASP A 86 4.58 -1.41 13.80
C ASP A 86 5.67 -2.42 13.55
N PRO A 87 6.89 -2.08 13.89
CA PRO A 87 8.05 -2.92 13.61
C PRO A 87 8.11 -4.18 14.47
N ASP A 88 7.17 -4.31 15.38
CA ASP A 88 7.05 -5.50 16.22
C ASP A 88 6.35 -6.58 15.44
N GLY A 89 5.60 -6.16 14.42
CA GLY A 89 4.81 -7.07 13.63
C GLY A 89 3.68 -7.63 14.46
N LYS A 90 3.22 -6.83 15.40
CA LYS A 90 2.22 -7.25 16.35
C LYS A 90 0.83 -7.28 15.70
N TRP A 91 0.71 -6.60 14.59
CA TRP A 91 -0.53 -6.56 13.83
C TRP A 91 -0.68 -7.77 12.93
N ARG A 92 0.08 -8.81 13.26
CA ARG A 92 0.06 -10.13 12.63
C ARG A 92 -1.38 -10.67 12.49
N LYS A 93 -2.18 -10.40 13.51
CA LYS A 93 -3.53 -10.88 13.57
C LYS A 93 -4.39 -10.16 12.54
N LYS A 94 -4.15 -8.86 12.39
CA LYS A 94 -4.94 -8.05 11.49
C LYS A 94 -4.46 -8.29 10.05
N TYR A 95 -3.16 -8.53 9.90
CA TYR A 95 -2.58 -8.89 8.61
C TYR A 95 -3.26 -10.14 8.07
N GLU A 96 -3.32 -11.17 8.90
CA GLU A 96 -3.99 -12.42 8.59
C GLU A 96 -5.48 -12.16 8.30
N ASP A 97 -6.05 -11.25 9.10
CA ASP A 97 -7.44 -10.83 8.99
C ASP A 97 -7.77 -10.35 7.59
N ARG A 98 -7.00 -9.38 7.07
CA ARG A 98 -7.28 -8.89 5.72
C ARG A 98 -6.94 -9.94 4.70
N ALA A 99 -5.72 -10.47 4.76
CA ALA A 99 -5.21 -11.40 3.77
C ALA A 99 -6.17 -12.56 3.50
N LYS A 100 -6.60 -13.24 4.55
CA LYS A 100 -7.42 -14.38 4.33
C LYS A 100 -8.86 -13.98 3.99
N ALA A 101 -9.29 -12.79 4.40
CA ALA A 101 -10.64 -12.34 4.07
C ALA A 101 -10.76 -11.96 2.59
N LYS A 102 -9.72 -11.32 2.06
CA LYS A 102 -9.78 -10.82 0.67
C LYS A 102 -9.63 -11.96 -0.30
N GLY A 103 -9.04 -13.03 0.15
CA GLY A 103 -8.83 -14.17 -0.69
C GLY A 103 -7.41 -14.23 -1.18
N ILE A 104 -6.51 -13.70 -0.40
CA ILE A 104 -5.10 -13.76 -0.69
C ILE A 104 -4.67 -15.19 -0.44
N VAL A 105 -3.97 -15.80 -1.38
CA VAL A 105 -3.63 -17.19 -1.21
C VAL A 105 -2.54 -17.41 -0.18
N ILE A 106 -2.99 -17.76 0.98
CA ILE A 106 -2.19 -18.17 2.10
C ILE A 106 -2.97 -19.32 2.68
N PRO A 107 -2.35 -20.24 3.36
CA PRO A 107 -3.02 -21.45 3.79
C PRO A 107 -4.05 -21.27 4.89
N GLU A 108 -5.14 -21.94 4.71
CA GLU A 108 -6.18 -22.03 5.67
C GLU A 108 -5.89 -23.19 6.60
N TYR A 1 3.17 12.33 -17.69
CA TYR A 1 3.33 12.93 -16.35
C TYR A 1 1.97 13.27 -15.76
N THR A 2 0.95 12.92 -16.48
CA THR A 2 -0.41 13.06 -16.06
C THR A 2 -1.01 11.69 -16.35
N ASP A 3 -0.28 10.72 -15.86
CA ASP A 3 -0.44 9.31 -16.14
C ASP A 3 0.71 8.62 -15.48
N LYS A 4 0.40 7.65 -14.64
CA LYS A 4 1.38 6.88 -13.85
C LYS A 4 2.10 7.76 -12.83
N TYR A 5 2.69 7.10 -11.82
CA TYR A 5 3.41 7.72 -10.66
C TYR A 5 2.64 8.79 -9.91
N ASP A 6 2.32 9.82 -10.58
CA ASP A 6 1.76 11.00 -10.03
C ASP A 6 0.31 10.79 -9.65
N LYS A 7 -0.40 10.01 -10.40
CA LYS A 7 -1.84 9.99 -10.23
C LYS A 7 -2.35 8.63 -9.69
N ILE A 8 -3.62 8.35 -9.93
CA ILE A 8 -4.42 7.21 -9.42
C ILE A 8 -4.00 5.85 -10.03
N ASN A 9 -2.74 5.64 -10.15
CA ASN A 9 -2.22 4.43 -10.74
C ASN A 9 -1.68 3.48 -9.65
N LEU A 10 -2.33 3.45 -8.51
CA LEU A 10 -1.78 2.79 -7.31
C LEU A 10 -1.59 1.30 -7.55
N GLN A 11 -2.50 0.73 -8.25
CA GLN A 11 -2.50 -0.68 -8.58
C GLN A 11 -1.58 -0.99 -9.73
N GLU A 12 -1.37 -0.01 -10.60
CA GLU A 12 -0.50 -0.21 -11.74
C GLU A 12 0.90 -0.16 -11.23
N ILE A 13 1.05 0.58 -10.15
CA ILE A 13 2.25 0.65 -9.45
C ILE A 13 2.48 -0.64 -8.72
N LEU A 14 1.59 -0.92 -7.76
CA LEU A 14 1.63 -2.06 -6.82
C LEU A 14 1.94 -3.39 -7.50
N GLU A 15 1.56 -3.49 -8.74
CA GLU A 15 1.75 -4.66 -9.55
C GLU A 15 3.24 -4.83 -10.01
N ASN A 16 3.96 -3.76 -10.12
CA ASN A 16 5.29 -3.78 -10.72
C ASN A 16 6.29 -3.03 -9.84
N LYS A 17 7.31 -3.71 -9.29
CA LYS A 17 8.31 -3.06 -8.40
C LYS A 17 8.97 -1.83 -9.05
N ARG A 18 9.17 -1.86 -10.36
CA ARG A 18 9.71 -0.71 -11.07
C ARG A 18 8.76 0.48 -10.97
N LEU A 19 7.49 0.18 -10.97
CA LEU A 19 6.49 1.20 -10.83
C LEU A 19 6.37 1.62 -9.37
N LEU A 20 6.69 0.72 -8.43
CA LEU A 20 6.73 1.10 -7.02
C LEU A 20 7.76 2.17 -6.84
N GLU A 21 8.89 1.94 -7.49
CA GLU A 21 9.96 2.89 -7.57
C GLU A 21 9.52 4.18 -8.29
N SER A 22 8.54 4.08 -9.17
CA SER A 22 8.04 5.23 -9.87
C SER A 22 7.23 6.17 -8.94
N TYR A 23 6.25 5.64 -8.16
CA TYR A 23 5.48 6.54 -7.26
C TYR A 23 6.10 6.55 -5.87
N MET A 24 7.29 6.01 -5.77
CA MET A 24 8.03 5.94 -4.53
C MET A 24 8.25 7.34 -3.93
N ASP A 25 8.16 8.38 -4.74
CA ASP A 25 8.15 9.77 -4.27
C ASP A 25 7.04 10.02 -3.31
N CYS A 26 5.86 9.73 -3.73
CA CYS A 26 4.74 9.99 -2.92
C CYS A 26 4.66 9.07 -1.72
N VAL A 27 5.15 7.86 -1.86
CA VAL A 27 5.19 6.94 -0.73
C VAL A 27 6.42 7.15 0.20
N LEU A 28 7.64 7.11 -0.34
CA LEU A 28 8.82 7.22 0.53
C LEU A 28 9.48 8.61 0.40
N GLY A 29 9.42 9.16 -0.79
CA GLY A 29 10.06 10.44 -1.03
C GLY A 29 11.26 10.32 -1.94
N LYS A 30 11.15 9.51 -3.00
CA LYS A 30 12.26 9.32 -3.94
C LYS A 30 12.19 10.26 -5.16
N GLY A 31 11.28 9.98 -6.08
CA GLY A 31 11.23 10.70 -7.36
C GLY A 31 10.27 11.86 -7.37
N LYS A 32 9.24 11.81 -8.24
CA LYS A 32 8.25 12.89 -8.28
C LYS A 32 6.85 12.45 -8.77
N CYS A 33 5.93 12.36 -7.84
CA CYS A 33 4.51 12.27 -8.11
C CYS A 33 3.97 13.73 -8.00
N THR A 34 2.71 13.96 -8.26
CA THR A 34 2.14 15.28 -8.10
C THR A 34 1.47 15.37 -6.73
N PRO A 35 1.35 16.60 -6.14
CA PRO A 35 0.71 16.80 -4.83
C PRO A 35 -0.66 16.10 -4.69
N GLU A 36 -1.45 16.08 -5.78
CA GLU A 36 -2.75 15.39 -5.82
C GLU A 36 -2.56 13.92 -5.40
N GLY A 37 -1.56 13.32 -6.02
CA GLY A 37 -1.22 11.97 -5.75
C GLY A 37 -0.60 11.79 -4.40
N LYS A 38 0.26 12.72 -4.01
CA LYS A 38 0.98 12.66 -2.73
C LYS A 38 0.01 12.68 -1.56
N GLU A 39 -1.14 13.27 -1.78
CA GLU A 39 -2.13 13.38 -0.76
C GLU A 39 -2.89 12.08 -0.65
N LEU A 40 -3.34 11.60 -1.80
CA LEU A 40 -4.13 10.40 -1.84
C LEU A 40 -3.31 9.20 -1.36
N LYS A 41 -2.05 9.20 -1.73
CA LYS A 41 -1.16 8.12 -1.37
C LYS A 41 -0.73 8.18 0.07
N ASP A 42 -0.69 9.37 0.65
CA ASP A 42 -0.42 9.49 2.07
C ASP A 42 -1.51 8.78 2.85
N HIS A 43 -2.73 8.99 2.42
CA HIS A 43 -3.87 8.45 3.11
C HIS A 43 -4.08 6.96 2.82
N LEU A 44 -4.08 6.60 1.55
CA LEU A 44 -4.35 5.23 1.14
C LEU A 44 -3.16 4.32 1.49
N GLN A 45 -1.97 4.77 1.16
CA GLN A 45 -0.80 4.00 1.48
C GLN A 45 -0.53 3.91 2.96
N GLU A 46 -1.00 4.88 3.76
CA GLU A 46 -0.89 4.73 5.21
C GLU A 46 -1.81 3.62 5.66
N ALA A 47 -2.97 3.51 5.03
CA ALA A 47 -3.92 2.44 5.35
C ALA A 47 -3.33 1.07 5.02
N LEU A 48 -2.37 1.07 4.14
CA LEU A 48 -1.60 -0.09 3.78
C LEU A 48 -0.40 -0.28 4.76
N GLU A 49 0.35 0.80 4.94
CA GLU A 49 1.57 0.89 5.75
C GLU A 49 1.29 0.65 7.23
N THR A 50 0.42 1.44 7.77
CA THR A 50 0.10 1.43 9.17
C THR A 50 -1.27 0.80 9.40
N GLY A 51 -2.28 1.33 8.74
CA GLY A 51 -3.56 0.70 8.81
C GLY A 51 -4.72 1.62 9.14
N CYS A 52 -4.75 2.81 8.56
CA CYS A 52 -5.91 3.71 8.64
C CYS A 52 -7.15 3.06 7.89
N GLU A 53 -7.59 1.90 8.36
CA GLU A 53 -8.70 1.16 7.74
C GLU A 53 -10.03 1.55 8.39
N LYS A 54 -9.93 2.19 9.54
CA LYS A 54 -11.08 2.67 10.31
C LYS A 54 -11.50 4.04 9.80
N CYS A 55 -10.83 4.46 8.79
CA CYS A 55 -10.90 5.79 8.29
C CYS A 55 -11.99 5.95 7.21
N THR A 56 -11.72 6.70 6.16
CA THR A 56 -12.73 7.04 5.17
C THR A 56 -12.81 5.96 4.11
N GLU A 57 -13.87 5.98 3.28
CA GLU A 57 -14.10 4.95 2.25
C GLU A 57 -12.88 4.74 1.38
N ALA A 58 -12.35 5.83 0.84
CA ALA A 58 -11.19 5.78 -0.05
C ALA A 58 -9.98 5.15 0.63
N GLN A 59 -9.84 5.38 1.92
CA GLN A 59 -8.73 4.84 2.63
C GLN A 59 -8.97 3.39 3.02
N GLU A 60 -10.15 3.11 3.56
CA GLU A 60 -10.48 1.75 4.00
C GLU A 60 -10.50 0.76 2.82
N LYS A 61 -11.22 1.12 1.76
CA LYS A 61 -11.35 0.29 0.57
C LYS A 61 -10.11 0.39 -0.29
N GLY A 62 -9.43 1.51 -0.20
CA GLY A 62 -8.18 1.68 -0.88
C GLY A 62 -7.15 0.74 -0.31
N ALA A 63 -7.21 0.54 1.01
CA ALA A 63 -6.36 -0.40 1.70
C ALA A 63 -6.69 -1.80 1.23
N GLU A 64 -7.97 -2.08 1.08
CA GLU A 64 -8.42 -3.37 0.54
C GLU A 64 -7.71 -3.71 -0.79
N THR A 65 -7.71 -2.80 -1.73
CA THR A 65 -7.08 -3.04 -3.02
C THR A 65 -5.51 -3.02 -2.92
N SER A 66 -4.95 -2.10 -2.16
CA SER A 66 -3.52 -2.04 -1.97
C SER A 66 -2.97 -3.30 -1.25
N ILE A 67 -3.66 -3.76 -0.23
CA ILE A 67 -3.27 -4.98 0.47
C ILE A 67 -3.33 -6.19 -0.48
N ASP A 68 -4.33 -6.18 -1.35
CA ASP A 68 -4.54 -7.26 -2.30
C ASP A 68 -3.30 -7.51 -3.19
N TYR A 69 -2.83 -6.50 -3.92
CA TYR A 69 -1.71 -6.81 -4.82
C TYR A 69 -0.39 -6.85 -4.04
N LEU A 70 -0.30 -6.07 -2.95
CA LEU A 70 0.91 -6.02 -2.17
C LEU A 70 1.22 -7.39 -1.59
N ILE A 71 0.24 -7.96 -0.92
CA ILE A 71 0.44 -9.23 -0.27
C ILE A 71 0.65 -10.36 -1.28
N LYS A 72 -0.03 -10.32 -2.42
CA LYS A 72 0.15 -11.41 -3.35
C LYS A 72 1.42 -11.29 -4.21
N ASN A 73 2.12 -10.16 -4.16
CA ASN A 73 3.32 -10.07 -4.98
C ASN A 73 4.49 -9.35 -4.29
N GLU A 74 4.29 -8.12 -3.85
CA GLU A 74 5.39 -7.31 -3.26
C GLU A 74 5.37 -7.34 -1.72
N LEU A 75 5.07 -8.51 -1.15
CA LEU A 75 4.90 -8.66 0.30
C LEU A 75 6.15 -8.36 1.14
N GLU A 76 7.32 -8.29 0.50
CA GLU A 76 8.55 -7.95 1.21
C GLU A 76 8.45 -6.54 1.75
N ILE A 77 7.89 -5.65 0.95
CA ILE A 77 7.74 -4.27 1.34
C ILE A 77 6.67 -4.14 2.43
N TRP A 78 5.75 -5.07 2.47
CA TRP A 78 4.75 -5.13 3.53
C TRP A 78 5.45 -5.34 4.87
N LYS A 79 6.44 -6.23 4.87
CA LYS A 79 7.26 -6.51 6.06
C LYS A 79 7.92 -5.21 6.53
N GLU A 80 8.42 -4.50 5.56
CA GLU A 80 9.11 -3.25 5.77
C GLU A 80 8.16 -2.15 6.30
N LEU A 81 6.92 -2.16 5.80
CA LEU A 81 5.93 -1.19 6.27
C LEU A 81 5.47 -1.57 7.68
N THR A 82 5.48 -2.87 7.96
CA THR A 82 5.15 -3.33 9.29
C THR A 82 6.20 -2.82 10.27
N ALA A 83 7.45 -2.86 9.83
CA ALA A 83 8.56 -2.36 10.63
C ALA A 83 8.48 -0.85 10.78
N HIS A 84 7.84 -0.21 9.82
CA HIS A 84 7.65 1.23 9.84
C HIS A 84 6.68 1.62 10.96
N PHE A 85 5.61 0.87 11.14
CA PHE A 85 4.67 1.26 12.17
C PHE A 85 4.96 0.59 13.51
N ASP A 86 5.16 -0.72 13.48
CA ASP A 86 5.38 -1.50 14.70
C ASP A 86 5.73 -2.95 14.36
N PRO A 87 7.03 -3.27 14.32
CA PRO A 87 7.50 -4.61 13.99
C PRO A 87 7.30 -5.62 15.13
N ASP A 88 6.95 -5.13 16.30
CA ASP A 88 6.81 -6.02 17.45
C ASP A 88 5.37 -6.46 17.61
N GLY A 89 4.48 -5.69 17.04
CA GLY A 89 3.08 -5.96 17.12
C GLY A 89 2.65 -7.14 16.26
N LYS A 90 1.78 -7.95 16.81
CA LYS A 90 1.27 -9.14 16.13
C LYS A 90 0.22 -8.78 15.08
N TRP A 91 -0.11 -7.50 15.00
CA TRP A 91 -1.15 -7.01 14.09
C TRP A 91 -0.79 -7.18 12.61
N ARG A 92 0.37 -7.72 12.40
CA ARG A 92 0.82 -8.07 11.08
C ARG A 92 -0.08 -9.24 10.61
N LYS A 93 -0.52 -10.05 11.56
CA LYS A 93 -1.36 -11.19 11.28
C LYS A 93 -2.78 -10.71 11.00
N LYS A 94 -3.12 -9.56 11.55
CA LYS A 94 -4.40 -8.93 11.28
C LYS A 94 -4.45 -8.58 9.79
N TYR A 95 -3.33 -8.08 9.28
CA TYR A 95 -3.27 -7.74 7.86
C TYR A 95 -3.17 -8.98 7.00
N GLU A 96 -2.61 -10.04 7.57
CA GLU A 96 -2.57 -11.35 6.94
C GLU A 96 -4.01 -11.88 6.79
N ASP A 97 -4.79 -11.71 7.86
CA ASP A 97 -6.21 -12.06 7.90
C ASP A 97 -6.96 -11.26 6.84
N ARG A 98 -6.72 -9.94 6.84
CA ARG A 98 -7.34 -9.04 5.87
C ARG A 98 -6.97 -9.45 4.44
N ALA A 99 -5.76 -9.90 4.23
CA ALA A 99 -5.31 -10.33 2.93
C ALA A 99 -6.02 -11.60 2.53
N LYS A 100 -6.02 -12.58 3.42
CA LYS A 100 -6.62 -13.87 3.19
C LYS A 100 -8.12 -13.73 2.82
N ALA A 101 -8.77 -12.76 3.44
CA ALA A 101 -10.19 -12.49 3.21
C ALA A 101 -10.45 -11.85 1.82
N LYS A 102 -9.40 -11.40 1.16
CA LYS A 102 -9.50 -10.77 -0.17
C LYS A 102 -9.26 -11.79 -1.25
N GLY A 103 -9.14 -13.03 -0.85
CA GLY A 103 -8.88 -14.08 -1.78
C GLY A 103 -7.41 -14.29 -1.98
N ILE A 104 -6.61 -13.61 -1.17
CA ILE A 104 -5.18 -13.74 -1.23
C ILE A 104 -4.82 -15.04 -0.55
N VAL A 105 -4.17 -15.90 -1.24
CA VAL A 105 -3.81 -17.16 -0.68
C VAL A 105 -2.38 -17.15 -0.15
N ILE A 106 -2.26 -17.08 1.15
CA ILE A 106 -0.99 -17.18 1.81
C ILE A 106 -1.11 -18.25 2.85
N PRO A 107 -0.13 -19.15 2.96
CA PRO A 107 -0.16 -20.21 3.95
C PRO A 107 -0.11 -19.66 5.36
N GLU A 108 -1.23 -19.74 6.02
CA GLU A 108 -1.35 -19.34 7.38
C GLU A 108 -1.23 -20.57 8.26
N TYR A 1 3.03 13.84 -15.46
CA TYR A 1 1.80 13.76 -16.23
C TYR A 1 0.82 12.92 -15.46
N THR A 2 -0.30 12.64 -16.04
CA THR A 2 -1.26 11.73 -15.46
C THR A 2 -0.85 10.32 -15.92
N ASP A 3 -1.17 9.31 -15.10
CA ASP A 3 -0.79 7.91 -15.33
C ASP A 3 0.65 7.66 -14.92
N LYS A 4 0.77 7.20 -13.68
CA LYS A 4 2.04 6.89 -12.96
C LYS A 4 2.55 8.09 -12.25
N TYR A 5 2.87 7.87 -10.97
CA TYR A 5 3.42 8.85 -10.01
C TYR A 5 2.44 9.97 -9.67
N ASP A 6 1.42 10.07 -10.43
CA ASP A 6 0.45 11.10 -10.30
C ASP A 6 -0.51 10.83 -9.14
N LYS A 7 -1.35 9.86 -9.28
CA LYS A 7 -2.50 9.66 -8.42
C LYS A 7 -3.18 8.37 -8.81
N ILE A 8 -3.76 8.37 -10.01
CA ILE A 8 -4.52 7.25 -10.51
C ILE A 8 -3.59 6.21 -11.10
N ASN A 9 -2.88 5.60 -10.21
CA ASN A 9 -1.86 4.68 -10.56
C ASN A 9 -1.56 3.72 -9.38
N LEU A 10 -2.40 3.75 -8.34
CA LEU A 10 -2.11 3.03 -7.06
C LEU A 10 -1.85 1.56 -7.27
N GLN A 11 -2.70 0.97 -8.04
CA GLN A 11 -2.64 -0.43 -8.33
C GLN A 11 -1.78 -0.64 -9.54
N GLU A 12 -1.71 0.40 -10.39
CA GLU A 12 -0.99 0.31 -11.67
C GLU A 12 0.48 0.14 -11.36
N ILE A 13 0.87 0.89 -10.39
CA ILE A 13 2.19 0.90 -9.89
C ILE A 13 2.51 -0.36 -9.15
N LEU A 14 1.66 -0.67 -8.16
CA LEU A 14 1.83 -1.81 -7.27
C LEU A 14 2.13 -3.12 -8.01
N GLU A 15 1.61 -3.25 -9.21
CA GLU A 15 1.83 -4.42 -10.01
C GLU A 15 3.32 -4.63 -10.41
N ASN A 16 4.10 -3.57 -10.50
CA ASN A 16 5.48 -3.71 -10.92
C ASN A 16 6.42 -3.04 -9.96
N LYS A 17 7.48 -3.75 -9.54
CA LYS A 17 8.49 -3.17 -8.62
C LYS A 17 9.10 -1.88 -9.21
N ARG A 18 9.30 -1.89 -10.50
CA ARG A 18 9.84 -0.73 -11.22
C ARG A 18 8.82 0.42 -11.28
N LEU A 19 7.56 0.08 -11.37
CA LEU A 19 6.56 1.11 -11.35
C LEU A 19 6.38 1.61 -9.93
N LEU A 20 6.69 0.76 -8.97
CA LEU A 20 6.60 1.10 -7.56
C LEU A 20 7.58 2.23 -7.33
N GLU A 21 8.75 2.05 -7.91
CA GLU A 21 9.79 3.03 -7.94
C GLU A 21 9.31 4.33 -8.62
N SER A 22 8.40 4.20 -9.59
CA SER A 22 7.83 5.36 -10.25
C SER A 22 6.98 6.24 -9.28
N TYR A 23 6.17 5.66 -8.37
CA TYR A 23 5.44 6.56 -7.41
C TYR A 23 6.08 6.52 -6.01
N MET A 24 7.28 6.02 -5.95
CA MET A 24 8.06 5.93 -4.71
C MET A 24 8.28 7.27 -4.00
N ASP A 25 8.19 8.37 -4.70
CA ASP A 25 8.27 9.71 -4.08
C ASP A 25 7.20 9.93 -3.06
N CYS A 26 6.04 9.61 -3.44
CA CYS A 26 4.93 9.84 -2.60
C CYS A 26 4.78 8.78 -1.55
N VAL A 27 5.23 7.56 -1.84
CA VAL A 27 5.21 6.54 -0.81
C VAL A 27 6.42 6.65 0.15
N LEU A 28 7.66 6.62 -0.39
CA LEU A 28 8.83 6.67 0.48
C LEU A 28 9.52 8.04 0.45
N GLY A 29 9.50 8.67 -0.69
CA GLY A 29 10.17 9.95 -0.85
C GLY A 29 11.36 9.86 -1.80
N LYS A 30 11.21 9.12 -2.89
CA LYS A 30 12.32 8.95 -3.83
C LYS A 30 12.32 9.99 -4.97
N GLY A 31 11.35 9.88 -5.89
CA GLY A 31 11.37 10.75 -7.09
C GLY A 31 10.49 11.99 -6.96
N LYS A 32 9.43 12.04 -7.75
CA LYS A 32 8.48 13.15 -7.72
C LYS A 32 7.07 12.73 -8.20
N CYS A 33 6.13 12.79 -7.29
CA CYS A 33 4.72 12.60 -7.55
C CYS A 33 4.08 13.99 -7.49
N THR A 34 2.81 14.09 -7.80
CA THR A 34 2.12 15.34 -7.66
C THR A 34 1.62 15.47 -6.21
N PRO A 35 1.44 16.72 -5.68
CA PRO A 35 0.94 16.95 -4.29
C PRO A 35 -0.34 16.14 -4.00
N GLU A 36 -1.23 16.14 -4.98
CA GLU A 36 -2.48 15.37 -4.98
C GLU A 36 -2.19 13.89 -4.64
N GLY A 37 -1.23 13.34 -5.35
CA GLY A 37 -0.89 11.96 -5.19
C GLY A 37 -0.12 11.70 -3.94
N LYS A 38 0.73 12.64 -3.57
CA LYS A 38 1.54 12.56 -2.34
C LYS A 38 0.65 12.31 -1.14
N GLU A 39 -0.46 12.99 -1.13
CA GLU A 39 -1.35 12.97 -0.02
C GLU A 39 -2.20 11.72 -0.06
N LEU A 40 -2.75 11.48 -1.24
CA LEU A 40 -3.55 10.31 -1.51
C LEU A 40 -2.84 9.04 -1.03
N LYS A 41 -1.65 8.86 -1.52
CA LYS A 41 -0.92 7.63 -1.33
C LYS A 41 -0.36 7.54 0.05
N ASP A 42 -0.15 8.69 0.67
CA ASP A 42 0.30 8.72 2.05
C ASP A 42 -0.70 8.00 2.92
N HIS A 43 -1.96 8.43 2.83
CA HIS A 43 -3.02 7.85 3.65
C HIS A 43 -3.56 6.53 3.12
N LEU A 44 -3.48 6.32 1.84
CA LEU A 44 -3.99 5.09 1.26
C LEU A 44 -3.00 3.95 1.50
N GLN A 45 -1.75 4.17 1.17
CA GLN A 45 -0.70 3.23 1.49
C GLN A 45 -0.50 3.10 3.03
N GLU A 46 -0.88 4.16 3.77
CA GLU A 46 -1.01 4.11 5.25
C GLU A 46 -1.95 2.97 5.63
N ALA A 47 -3.11 2.98 5.00
CA ALA A 47 -4.14 1.98 5.22
C ALA A 47 -3.68 0.59 4.73
N LEU A 48 -2.85 0.60 3.70
CA LEU A 48 -2.20 -0.61 3.18
C LEU A 48 -1.40 -1.32 4.27
N GLU A 49 -0.65 -0.52 5.03
CA GLU A 49 0.12 -1.02 6.17
C GLU A 49 -0.84 -1.73 7.10
N THR A 50 -1.81 -0.96 7.54
CA THR A 50 -2.96 -1.28 8.37
C THR A 50 -3.59 0.05 8.69
N GLY A 51 -2.69 1.00 9.09
CA GLY A 51 -2.98 2.43 9.32
C GLY A 51 -4.39 2.70 9.73
N CYS A 52 -5.20 3.02 8.75
CA CYS A 52 -6.59 3.18 8.95
C CYS A 52 -7.33 2.78 7.68
N GLU A 53 -7.47 1.47 7.50
CA GLU A 53 -8.21 0.91 6.38
C GLU A 53 -9.66 1.36 6.44
N LYS A 54 -10.26 1.26 7.61
CA LYS A 54 -11.66 1.63 7.79
C LYS A 54 -11.94 3.15 7.81
N CYS A 55 -11.01 3.94 7.28
CA CYS A 55 -11.18 5.39 7.24
C CYS A 55 -12.16 5.89 6.15
N THR A 56 -11.68 6.47 5.08
CA THR A 56 -12.56 7.03 4.07
C THR A 56 -12.77 6.04 2.94
N GLU A 57 -13.73 6.33 2.07
CA GLU A 57 -14.05 5.49 0.90
C GLU A 57 -12.79 5.24 0.03
N ALA A 58 -11.96 6.27 -0.09
CA ALA A 58 -10.74 6.18 -0.86
C ALA A 58 -9.74 5.29 -0.15
N GLN A 59 -9.61 5.49 1.15
CA GLN A 59 -8.71 4.72 1.96
C GLN A 59 -9.12 3.26 2.05
N GLU A 60 -10.36 2.98 2.41
CA GLU A 60 -10.86 1.60 2.56
C GLU A 60 -10.68 0.75 1.28
N LYS A 61 -11.18 1.29 0.17
CA LYS A 61 -11.15 0.62 -1.11
C LYS A 61 -9.71 0.50 -1.60
N GLY A 62 -9.01 1.60 -1.50
CA GLY A 62 -7.65 1.66 -1.94
C GLY A 62 -6.75 0.74 -1.15
N ALA A 63 -6.97 0.70 0.17
CA ALA A 63 -6.22 -0.13 1.07
C ALA A 63 -6.25 -1.55 0.65
N GLU A 64 -7.45 -2.11 0.56
CA GLU A 64 -7.59 -3.51 0.21
C GLU A 64 -7.07 -3.84 -1.18
N THR A 65 -7.17 -2.91 -2.10
CA THR A 65 -6.65 -3.12 -3.44
C THR A 65 -5.11 -3.13 -3.38
N SER A 66 -4.54 -2.21 -2.63
CA SER A 66 -3.13 -2.15 -2.48
C SER A 66 -2.64 -3.39 -1.68
N ILE A 67 -3.42 -3.84 -0.73
CA ILE A 67 -3.10 -5.03 0.04
C ILE A 67 -3.08 -6.24 -0.90
N ASP A 68 -4.10 -6.31 -1.74
CA ASP A 68 -4.29 -7.41 -2.67
C ASP A 68 -3.05 -7.71 -3.52
N TYR A 69 -2.57 -6.72 -4.28
CA TYR A 69 -1.44 -7.03 -5.15
C TYR A 69 -0.15 -7.11 -4.35
N LEU A 70 -0.01 -6.27 -3.35
CA LEU A 70 1.19 -6.26 -2.53
C LEU A 70 1.41 -7.61 -1.86
N ILE A 71 0.37 -8.16 -1.25
CA ILE A 71 0.52 -9.43 -0.56
C ILE A 71 0.89 -10.53 -1.54
N LYS A 72 0.29 -10.51 -2.72
CA LYS A 72 0.59 -11.59 -3.67
C LYS A 72 1.87 -11.36 -4.52
N ASN A 73 2.40 -10.14 -4.58
CA ASN A 73 3.64 -9.90 -5.36
C ASN A 73 4.84 -9.61 -4.47
N GLU A 74 4.76 -8.58 -3.64
CA GLU A 74 5.91 -8.15 -2.87
C GLU A 74 5.54 -7.75 -1.45
N LEU A 75 5.44 -8.76 -0.62
CA LEU A 75 5.10 -8.66 0.79
C LEU A 75 6.15 -7.89 1.63
N GLU A 76 7.31 -7.61 1.03
CA GLU A 76 8.40 -6.87 1.66
C GLU A 76 7.93 -5.52 2.15
N ILE A 77 7.10 -4.88 1.34
CA ILE A 77 6.61 -3.55 1.64
C ILE A 77 5.72 -3.59 2.90
N TRP A 78 4.99 -4.69 3.08
CA TRP A 78 4.14 -4.86 4.26
C TRP A 78 5.02 -4.88 5.50
N LYS A 79 6.12 -5.62 5.40
CA LYS A 79 7.09 -5.73 6.49
C LYS A 79 7.62 -4.36 6.86
N GLU A 80 8.07 -3.63 5.87
CA GLU A 80 8.68 -2.34 6.04
C GLU A 80 7.70 -1.26 6.51
N LEU A 81 6.50 -1.25 5.97
CA LEU A 81 5.48 -0.30 6.41
C LEU A 81 5.14 -0.56 7.86
N THR A 82 5.00 -1.83 8.22
CA THR A 82 4.72 -2.20 9.59
C THR A 82 5.88 -1.77 10.48
N ALA A 83 7.11 -1.92 9.97
CA ALA A 83 8.31 -1.53 10.71
C ALA A 83 8.35 -0.03 11.00
N HIS A 84 7.64 0.75 10.20
CA HIS A 84 7.56 2.19 10.44
C HIS A 84 6.37 2.61 11.26
N PHE A 85 5.21 2.10 10.93
CA PHE A 85 3.99 2.50 11.64
C PHE A 85 3.84 1.81 13.00
N ASP A 86 3.90 0.48 13.00
CA ASP A 86 3.74 -0.29 14.23
C ASP A 86 4.77 -1.41 14.31
N PRO A 87 6.07 -1.08 14.53
CA PRO A 87 7.12 -2.09 14.58
C PRO A 87 7.04 -2.94 15.84
N ASP A 88 6.19 -2.53 16.76
CA ASP A 88 5.98 -3.27 17.99
C ASP A 88 4.92 -4.33 17.77
N GLY A 89 4.31 -4.30 16.59
CA GLY A 89 3.31 -5.25 16.22
C GLY A 89 3.93 -6.60 15.91
N LYS A 90 3.10 -7.61 15.83
CA LYS A 90 3.56 -8.97 15.59
C LYS A 90 3.89 -9.24 14.11
N TRP A 91 3.53 -8.31 13.21
CA TRP A 91 3.70 -8.48 11.73
C TRP A 91 2.76 -9.55 11.15
N ARG A 92 2.93 -10.77 11.61
CA ARG A 92 2.18 -11.94 11.16
C ARG A 92 0.68 -11.76 11.35
N LYS A 93 0.29 -11.41 12.57
CA LYS A 93 -1.12 -11.24 12.95
C LYS A 93 -1.88 -10.37 11.95
N LYS A 94 -1.37 -9.17 11.74
CA LYS A 94 -1.99 -8.20 10.86
C LYS A 94 -1.91 -8.64 9.40
N TYR A 95 -0.80 -9.28 9.02
CA TYR A 95 -0.57 -9.73 7.64
C TYR A 95 -1.59 -10.79 7.28
N GLU A 96 -1.63 -11.82 8.08
CA GLU A 96 -2.45 -12.97 7.83
C GLU A 96 -3.93 -12.65 7.99
N ASP A 97 -4.25 -11.71 8.86
CA ASP A 97 -5.65 -11.32 9.07
C ASP A 97 -6.20 -10.53 7.90
N ARG A 98 -5.50 -9.46 7.54
CA ARG A 98 -5.98 -8.60 6.48
C ARG A 98 -5.99 -9.31 5.14
N ALA A 99 -4.96 -10.07 4.84
CA ALA A 99 -4.90 -10.80 3.58
C ALA A 99 -6.06 -11.80 3.49
N LYS A 100 -6.30 -12.54 4.57
CA LYS A 100 -7.36 -13.52 4.58
C LYS A 100 -8.72 -12.84 4.44
N ALA A 101 -8.90 -11.72 5.12
CA ALA A 101 -10.16 -10.98 5.11
C ALA A 101 -10.44 -10.38 3.73
N LYS A 102 -9.41 -9.80 3.12
CA LYS A 102 -9.51 -9.20 1.80
C LYS A 102 -9.78 -10.23 0.70
N GLY A 103 -9.40 -11.47 0.94
CA GLY A 103 -9.65 -12.50 -0.04
C GLY A 103 -8.39 -12.97 -0.72
N ILE A 104 -7.30 -12.92 -0.02
CA ILE A 104 -6.05 -13.38 -0.52
C ILE A 104 -5.86 -14.81 -0.10
N VAL A 105 -5.41 -15.65 -1.00
CA VAL A 105 -5.21 -17.03 -0.70
C VAL A 105 -3.80 -17.28 -0.15
N ILE A 106 -3.72 -17.39 1.14
CA ILE A 106 -2.49 -17.74 1.83
C ILE A 106 -2.75 -19.08 2.48
N PRO A 107 -1.71 -19.84 2.91
CA PRO A 107 -1.95 -21.16 3.51
C PRO A 107 -2.77 -21.06 4.80
N GLU A 108 -4.01 -21.44 4.71
CA GLU A 108 -4.93 -21.41 5.77
C GLU A 108 -6.05 -22.37 5.38
N TYR A 1 2.58 11.64 -14.96
CA TYR A 1 1.70 12.78 -15.21
C TYR A 1 0.33 12.33 -15.69
N THR A 2 0.27 11.23 -16.40
CA THR A 2 -0.98 10.61 -16.68
C THR A 2 -0.86 9.13 -16.38
N ASP A 3 -1.41 8.73 -15.23
CA ASP A 3 -1.49 7.32 -14.78
C ASP A 3 -0.10 6.82 -14.45
N LYS A 4 0.78 7.75 -14.06
CA LYS A 4 2.19 7.44 -13.86
C LYS A 4 2.80 8.27 -12.76
N TYR A 5 2.82 7.68 -11.57
CA TYR A 5 3.39 8.22 -10.31
C TYR A 5 2.71 9.42 -9.71
N ASP A 6 2.26 10.28 -10.56
CA ASP A 6 1.66 11.56 -10.26
C ASP A 6 0.62 11.50 -9.17
N LYS A 7 -0.41 10.80 -9.45
CA LYS A 7 -1.60 10.90 -8.67
C LYS A 7 -2.54 9.79 -9.01
N ILE A 8 -2.96 9.74 -10.25
CA ILE A 8 -4.05 8.87 -10.70
C ILE A 8 -3.63 7.42 -10.90
N ASN A 9 -2.85 6.93 -9.99
CA ASN A 9 -2.48 5.57 -9.96
C ASN A 9 -2.21 5.12 -8.54
N LEU A 10 -2.68 3.96 -8.19
CA LEU A 10 -2.39 3.31 -6.94
C LEU A 10 -1.93 1.90 -7.25
N GLN A 11 -2.87 1.16 -7.80
CA GLN A 11 -2.70 -0.23 -8.11
C GLN A 11 -1.76 -0.46 -9.29
N GLU A 12 -1.69 0.47 -10.22
CA GLU A 12 -0.92 0.21 -11.42
C GLU A 12 0.54 0.42 -11.18
N ILE A 13 0.83 0.98 -10.05
CA ILE A 13 2.15 1.09 -9.56
C ILE A 13 2.50 -0.21 -8.88
N LEU A 14 1.66 -0.59 -7.93
CA LEU A 14 1.83 -1.78 -7.12
C LEU A 14 2.00 -3.05 -7.95
N GLU A 15 1.31 -3.09 -9.06
CA GLU A 15 1.33 -4.24 -9.92
C GLU A 15 2.67 -4.39 -10.66
N ASN A 16 3.42 -3.31 -10.82
CA ASN A 16 4.64 -3.35 -11.63
C ASN A 16 5.80 -2.81 -10.84
N LYS A 17 6.83 -3.65 -10.61
CA LYS A 17 7.98 -3.22 -9.79
C LYS A 17 8.65 -1.92 -10.27
N ARG A 18 8.77 -1.73 -11.59
CA ARG A 18 9.38 -0.48 -12.10
C ARG A 18 8.51 0.74 -11.75
N LEU A 19 7.21 0.54 -11.83
CA LEU A 19 6.30 1.59 -11.56
C LEU A 19 6.20 1.80 -10.05
N LEU A 20 6.51 0.76 -9.30
CA LEU A 20 6.51 0.80 -7.87
C LEU A 20 7.57 1.75 -7.42
N GLU A 21 8.72 1.61 -8.04
CA GLU A 21 9.86 2.47 -7.84
C GLU A 21 9.48 3.93 -8.17
N SER A 22 8.57 4.10 -9.13
CA SER A 22 8.12 5.41 -9.52
C SER A 22 7.32 6.16 -8.41
N TYR A 23 6.16 5.63 -7.94
CA TYR A 23 5.41 6.40 -6.91
C TYR A 23 5.87 6.08 -5.50
N MET A 24 6.97 5.36 -5.41
CA MET A 24 7.64 5.08 -4.16
C MET A 24 7.97 6.42 -3.45
N ASP A 25 8.00 7.51 -4.21
CA ASP A 25 8.12 8.88 -3.66
C ASP A 25 7.02 9.19 -2.69
N CYS A 26 5.82 8.98 -3.07
CA CYS A 26 4.75 9.30 -2.20
C CYS A 26 4.61 8.32 -1.07
N VAL A 27 5.03 7.07 -1.29
CA VAL A 27 5.01 6.13 -0.20
C VAL A 27 6.25 6.30 0.75
N LEU A 28 7.47 6.21 0.20
CA LEU A 28 8.69 6.32 1.03
C LEU A 28 9.42 7.67 0.84
N GLY A 29 9.38 8.19 -0.38
CA GLY A 29 10.06 9.45 -0.70
C GLY A 29 11.15 9.32 -1.76
N LYS A 30 10.99 8.37 -2.69
CA LYS A 30 12.01 8.13 -3.71
C LYS A 30 11.89 8.98 -5.00
N GLY A 31 10.87 8.73 -5.83
CA GLY A 31 10.73 9.43 -7.12
C GLY A 31 10.09 10.81 -7.00
N LYS A 32 8.91 11.01 -7.63
CA LYS A 32 8.17 12.27 -7.51
C LYS A 32 6.69 12.17 -7.92
N CYS A 33 5.84 12.06 -6.95
CA CYS A 33 4.39 12.15 -7.14
C CYS A 33 3.99 13.60 -6.84
N THR A 34 2.73 13.97 -7.04
CA THR A 34 2.28 15.31 -6.71
C THR A 34 1.91 15.38 -5.21
N PRO A 35 1.84 16.60 -4.60
CA PRO A 35 1.45 16.78 -3.17
C PRO A 35 0.12 16.10 -2.81
N GLU A 36 -0.86 16.19 -3.69
CA GLU A 36 -2.14 15.55 -3.44
C GLU A 36 -1.95 14.04 -3.44
N GLY A 37 -1.09 13.58 -4.35
CA GLY A 37 -0.74 12.19 -4.42
C GLY A 37 -0.03 11.75 -3.15
N LYS A 38 0.85 12.62 -2.64
CA LYS A 38 1.56 12.41 -1.37
C LYS A 38 0.60 12.08 -0.25
N GLU A 39 -0.49 12.80 -0.18
CA GLU A 39 -1.41 12.70 0.93
C GLU A 39 -2.24 11.44 0.76
N LEU A 40 -2.82 11.32 -0.42
CA LEU A 40 -3.67 10.22 -0.82
C LEU A 40 -2.99 8.87 -0.59
N LYS A 41 -1.83 8.71 -1.18
CA LYS A 41 -1.13 7.44 -1.19
C LYS A 41 -0.50 7.11 0.12
N ASP A 42 -0.07 8.14 0.84
CA ASP A 42 0.53 7.95 2.14
C ASP A 42 -0.46 7.30 3.07
N HIS A 43 -1.68 7.81 3.05
CA HIS A 43 -2.74 7.32 3.93
C HIS A 43 -3.33 6.02 3.41
N LEU A 44 -3.31 5.83 2.11
CA LEU A 44 -3.86 4.66 1.47
C LEU A 44 -2.98 3.42 1.72
N GLN A 45 -1.70 3.51 1.40
CA GLN A 45 -0.80 2.42 1.72
C GLN A 45 -0.60 2.28 3.25
N GLU A 46 -0.78 3.40 3.99
CA GLU A 46 -0.78 3.37 5.47
C GLU A 46 -1.93 2.47 5.94
N ALA A 47 -3.08 2.63 5.28
CA ALA A 47 -4.30 1.90 5.57
C ALA A 47 -4.07 0.42 5.47
N LEU A 48 -3.26 0.03 4.49
CA LEU A 48 -2.89 -1.37 4.30
C LEU A 48 -2.24 -1.92 5.59
N GLU A 49 -1.48 -1.09 6.26
CA GLU A 49 -0.83 -1.50 7.47
C GLU A 49 -1.72 -1.21 8.70
N THR A 50 -1.55 -0.07 9.32
CA THR A 50 -2.28 0.21 10.54
C THR A 50 -2.89 1.63 10.48
N GLY A 51 -3.06 2.13 9.28
CA GLY A 51 -3.66 3.41 9.10
C GLY A 51 -5.15 3.37 9.20
N CYS A 52 -5.80 3.79 8.16
CA CYS A 52 -7.23 3.86 8.19
C CYS A 52 -7.82 3.39 6.88
N GLU A 53 -8.17 2.12 6.84
CA GLU A 53 -8.79 1.49 5.69
C GLU A 53 -10.18 2.06 5.52
N LYS A 54 -10.94 1.95 6.58
CA LYS A 54 -12.35 2.30 6.63
C LYS A 54 -12.64 3.82 6.59
N CYS A 55 -11.70 4.59 6.13
CA CYS A 55 -11.84 6.03 6.05
C CYS A 55 -12.73 6.49 4.89
N THR A 56 -12.15 7.11 3.88
CA THR A 56 -12.91 7.57 2.76
C THR A 56 -12.81 6.52 1.66
N GLU A 57 -13.83 6.41 0.84
CA GLU A 57 -13.93 5.40 -0.22
C GLU A 57 -12.65 5.20 -1.06
N ALA A 58 -11.96 6.31 -1.42
CA ALA A 58 -10.73 6.19 -2.21
C ALA A 58 -9.67 5.42 -1.45
N GLN A 59 -9.59 5.65 -0.16
CA GLN A 59 -8.66 4.93 0.68
C GLN A 59 -9.19 3.55 1.01
N GLU A 60 -10.49 3.44 1.26
CA GLU A 60 -11.13 2.12 1.52
C GLU A 60 -10.84 1.14 0.40
N LYS A 61 -11.25 1.53 -0.77
CA LYS A 61 -11.08 0.70 -1.97
C LYS A 61 -9.62 0.62 -2.34
N GLY A 62 -8.90 1.68 -2.06
CA GLY A 62 -7.49 1.72 -2.33
C GLY A 62 -6.73 0.74 -1.46
N ALA A 63 -7.13 0.66 -0.21
CA ALA A 63 -6.52 -0.24 0.73
C ALA A 63 -6.71 -1.66 0.29
N GLU A 64 -7.93 -2.05 -0.01
CA GLU A 64 -8.20 -3.43 -0.41
C GLU A 64 -7.48 -3.85 -1.70
N THR A 65 -7.32 -2.93 -2.64
CA THR A 65 -6.60 -3.23 -3.86
C THR A 65 -5.10 -3.29 -3.59
N SER A 66 -4.62 -2.40 -2.73
CA SER A 66 -3.24 -2.42 -2.39
C SER A 66 -2.92 -3.68 -1.58
N ILE A 67 -3.83 -4.10 -0.72
CA ILE A 67 -3.65 -5.31 0.08
C ILE A 67 -3.54 -6.52 -0.83
N ASP A 68 -4.43 -6.59 -1.81
CA ASP A 68 -4.46 -7.70 -2.76
C ASP A 68 -3.12 -7.91 -3.45
N TYR A 69 -2.64 -6.89 -4.13
CA TYR A 69 -1.46 -7.11 -4.92
C TYR A 69 -0.18 -7.06 -4.12
N LEU A 70 -0.12 -6.20 -3.12
CA LEU A 70 1.08 -6.08 -2.33
C LEU A 70 1.33 -7.34 -1.53
N ILE A 71 0.31 -7.88 -0.91
CA ILE A 71 0.49 -9.08 -0.11
C ILE A 71 0.85 -10.29 -1.00
N LYS A 72 0.26 -10.40 -2.18
CA LYS A 72 0.55 -11.56 -3.02
C LYS A 72 1.74 -11.35 -3.98
N ASN A 73 2.31 -10.14 -4.03
CA ASN A 73 3.45 -9.90 -4.94
C ASN A 73 4.64 -9.26 -4.22
N GLU A 74 4.42 -8.11 -3.61
CA GLU A 74 5.48 -7.33 -3.01
C GLU A 74 5.36 -7.30 -1.50
N LEU A 75 5.68 -8.40 -0.88
CA LEU A 75 5.50 -8.57 0.55
C LEU A 75 6.57 -7.82 1.35
N GLU A 76 7.70 -7.53 0.72
CA GLU A 76 8.79 -6.83 1.39
C GLU A 76 8.39 -5.39 1.65
N ILE A 77 7.55 -4.86 0.79
CA ILE A 77 7.06 -3.51 0.93
C ILE A 77 6.15 -3.42 2.15
N TRP A 78 5.41 -4.50 2.41
CA TRP A 78 4.55 -4.57 3.58
C TRP A 78 5.40 -4.49 4.84
N LYS A 79 6.52 -5.20 4.83
CA LYS A 79 7.47 -5.20 5.94
C LYS A 79 7.97 -3.78 6.20
N GLU A 80 8.08 -3.01 5.14
CA GLU A 80 8.50 -1.64 5.26
C GLU A 80 7.40 -0.74 5.78
N LEU A 81 6.15 -1.06 5.47
CA LEU A 81 5.02 -0.31 6.03
C LEU A 81 4.90 -0.68 7.51
N THR A 82 5.27 -1.91 7.80
CA THR A 82 5.40 -2.39 9.13
C THR A 82 6.47 -1.55 9.85
N ALA A 83 7.64 -1.41 9.25
CA ALA A 83 8.73 -0.60 9.81
C ALA A 83 8.32 0.87 9.96
N HIS A 84 7.41 1.31 9.11
CA HIS A 84 6.88 2.67 9.13
C HIS A 84 6.09 2.94 10.41
N PHE A 85 5.13 2.09 10.71
CA PHE A 85 4.20 2.37 11.80
C PHE A 85 4.43 1.45 13.01
N ASP A 86 4.41 0.17 12.77
CA ASP A 86 4.44 -0.82 13.85
C ASP A 86 5.36 -1.99 13.50
N PRO A 87 6.68 -1.81 13.69
CA PRO A 87 7.70 -2.79 13.31
C PRO A 87 7.66 -4.07 14.14
N ASP A 88 7.43 -3.90 15.41
CA ASP A 88 7.47 -5.01 16.34
C ASP A 88 6.12 -5.53 16.67
N GLY A 89 5.22 -5.38 15.71
CA GLY A 89 3.88 -5.87 15.85
C GLY A 89 3.79 -7.38 15.87
N LYS A 90 2.58 -7.89 15.90
CA LYS A 90 2.33 -9.33 16.00
C LYS A 90 2.78 -10.03 14.69
N TRP A 91 2.79 -9.24 13.61
CA TRP A 91 3.27 -9.63 12.27
C TRP A 91 2.36 -10.65 11.60
N ARG A 92 2.33 -11.84 12.15
CA ARG A 92 1.55 -12.95 11.63
C ARG A 92 0.07 -12.61 11.61
N LYS A 93 -0.39 -12.03 12.71
CA LYS A 93 -1.79 -11.62 12.84
C LYS A 93 -2.15 -10.61 11.78
N LYS A 94 -1.23 -9.69 11.50
CA LYS A 94 -1.45 -8.67 10.48
C LYS A 94 -1.62 -9.33 9.13
N TYR A 95 -0.69 -10.21 8.85
CA TYR A 95 -0.61 -10.92 7.59
C TYR A 95 -1.93 -11.66 7.34
N GLU A 96 -2.40 -12.36 8.36
CA GLU A 96 -3.68 -13.06 8.29
C GLU A 96 -4.82 -12.04 8.12
N ASP A 97 -4.85 -11.07 9.01
CA ASP A 97 -5.90 -10.02 9.09
C ASP A 97 -6.13 -9.31 7.77
N ARG A 98 -5.08 -8.76 7.19
CA ARG A 98 -5.19 -7.98 5.96
C ARG A 98 -5.57 -8.87 4.79
N ALA A 99 -4.86 -9.98 4.65
CA ALA A 99 -5.04 -10.86 3.52
C ALA A 99 -6.40 -11.56 3.55
N LYS A 100 -6.72 -12.17 4.66
CA LYS A 100 -7.92 -12.97 4.75
C LYS A 100 -9.20 -12.15 4.71
N ALA A 101 -9.14 -10.92 5.22
CA ALA A 101 -10.32 -10.06 5.19
C ALA A 101 -10.67 -9.64 3.77
N LYS A 102 -9.66 -9.53 2.92
CA LYS A 102 -9.89 -9.13 1.54
C LYS A 102 -9.98 -10.32 0.62
N GLY A 103 -9.57 -11.45 1.12
CA GLY A 103 -9.69 -12.69 0.38
C GLY A 103 -8.44 -13.03 -0.39
N ILE A 104 -7.32 -12.94 0.27
CA ILE A 104 -6.05 -13.28 -0.31
C ILE A 104 -5.52 -14.52 0.38
N VAL A 105 -5.09 -15.51 -0.39
CA VAL A 105 -4.55 -16.74 0.17
C VAL A 105 -3.07 -16.60 0.49
N ILE A 106 -2.74 -16.91 1.73
CA ILE A 106 -1.38 -16.80 2.23
C ILE A 106 -1.08 -17.99 3.13
N PRO A 107 0.21 -18.33 3.34
CA PRO A 107 0.57 -19.35 4.32
C PRO A 107 0.21 -18.87 5.74
N GLU A 108 -0.81 -19.46 6.30
CA GLU A 108 -1.28 -19.11 7.60
C GLU A 108 -0.67 -20.06 8.59
N TYR A 1 2.05 15.82 -16.58
CA TYR A 1 1.94 14.51 -15.95
C TYR A 1 0.48 14.20 -15.81
N THR A 2 0.07 13.02 -16.18
CA THR A 2 -1.30 12.62 -15.99
C THR A 2 -1.37 11.14 -15.69
N ASP A 3 -1.38 10.84 -14.41
CA ASP A 3 -1.48 9.50 -13.86
C ASP A 3 -0.21 8.68 -14.00
N LYS A 4 -0.17 7.55 -13.25
CA LYS A 4 1.07 6.80 -12.96
C LYS A 4 2.02 7.69 -12.21
N TYR A 5 2.31 7.34 -10.93
CA TYR A 5 3.06 8.18 -9.95
C TYR A 5 2.33 9.48 -9.58
N ASP A 6 1.77 10.08 -10.55
CA ASP A 6 1.05 11.31 -10.46
C ASP A 6 -0.28 11.17 -9.73
N LYS A 7 -1.04 10.08 -9.92
CA LYS A 7 -2.42 10.15 -9.37
C LYS A 7 -3.18 8.81 -9.11
N ILE A 8 -4.13 8.41 -9.98
CA ILE A 8 -5.05 7.25 -9.69
C ILE A 8 -4.45 5.94 -10.15
N ASN A 9 -3.22 5.81 -9.91
CA ASN A 9 -2.43 4.70 -10.37
C ASN A 9 -2.16 3.69 -9.26
N LEU A 10 -3.06 3.56 -8.32
CA LEU A 10 -2.75 2.79 -7.12
C LEU A 10 -2.62 1.34 -7.43
N GLN A 11 -3.39 0.89 -8.37
CA GLN A 11 -3.32 -0.47 -8.79
C GLN A 11 -2.35 -0.67 -9.94
N GLU A 12 -2.14 0.37 -10.75
CA GLU A 12 -1.33 0.26 -11.96
C GLU A 12 0.10 0.10 -11.57
N ILE A 13 0.48 0.94 -10.66
CA ILE A 13 1.79 0.98 -10.14
C ILE A 13 2.07 -0.23 -9.25
N LEU A 14 1.15 -0.50 -8.33
CA LEU A 14 1.33 -1.57 -7.34
C LEU A 14 1.44 -2.96 -7.97
N GLU A 15 0.91 -3.11 -9.16
CA GLU A 15 0.97 -4.37 -9.85
C GLU A 15 2.42 -4.74 -10.29
N ASN A 16 3.31 -3.76 -10.33
CA ASN A 16 4.69 -4.00 -10.75
C ASN A 16 5.65 -3.33 -9.79
N LYS A 17 6.65 -4.05 -9.26
CA LYS A 17 7.57 -3.39 -8.32
C LYS A 17 8.42 -2.34 -9.02
N ARG A 18 8.57 -2.50 -10.30
CA ARG A 18 9.26 -1.53 -11.13
C ARG A 18 8.44 -0.25 -11.24
N LEU A 19 7.14 -0.41 -11.29
CA LEU A 19 6.27 0.72 -11.33
C LEU A 19 6.15 1.31 -9.94
N LEU A 20 6.37 0.47 -8.93
CA LEU A 20 6.43 0.91 -7.54
C LEU A 20 7.56 1.87 -7.41
N GLU A 21 8.67 1.50 -7.99
CA GLU A 21 9.83 2.35 -8.09
C GLU A 21 9.52 3.68 -8.76
N SER A 22 8.59 3.66 -9.70
CA SER A 22 8.19 4.88 -10.35
C SER A 22 7.46 5.85 -9.38
N TYR A 23 6.48 5.36 -8.58
CA TYR A 23 5.81 6.26 -7.64
C TYR A 23 6.52 6.25 -6.27
N MET A 24 7.71 5.69 -6.24
CA MET A 24 8.52 5.68 -5.05
C MET A 24 8.85 7.04 -4.51
N ASP A 25 8.76 8.07 -5.34
CA ASP A 25 8.96 9.45 -4.86
C ASP A 25 7.92 9.84 -3.86
N CYS A 26 6.73 9.49 -4.13
CA CYS A 26 5.67 9.83 -3.26
C CYS A 26 5.58 8.93 -2.05
N VAL A 27 5.97 7.67 -2.21
CA VAL A 27 5.97 6.77 -1.07
C VAL A 27 7.25 6.94 -0.20
N LEU A 28 8.41 6.81 -0.81
CA LEU A 28 9.69 6.91 -0.11
C LEU A 28 10.42 8.24 -0.33
N GLY A 29 10.28 8.80 -1.50
CA GLY A 29 11.01 10.01 -1.86
C GLY A 29 12.10 9.71 -2.87
N LYS A 30 11.86 8.71 -3.73
CA LYS A 30 12.87 8.26 -4.68
C LYS A 30 12.75 8.88 -6.10
N GLY A 31 11.79 8.41 -6.90
CA GLY A 31 11.65 8.86 -8.31
C GLY A 31 11.04 10.27 -8.46
N LYS A 32 9.82 10.35 -8.99
CA LYS A 32 9.14 11.64 -9.12
C LYS A 32 7.62 11.47 -9.21
N CYS A 33 6.93 12.06 -8.27
CA CYS A 33 5.49 12.13 -8.25
C CYS A 33 5.11 13.60 -8.11
N THR A 34 3.88 13.92 -8.39
CA THR A 34 3.40 15.27 -8.24
C THR A 34 2.97 15.48 -6.76
N PRO A 35 2.69 16.74 -6.34
CA PRO A 35 2.25 17.04 -4.96
C PRO A 35 1.01 16.25 -4.60
N GLU A 36 0.08 16.21 -5.55
CA GLU A 36 -1.18 15.52 -5.40
C GLU A 36 -0.91 14.05 -5.14
N GLY A 37 0.02 13.51 -5.94
CA GLY A 37 0.38 12.13 -5.84
C GLY A 37 1.01 11.81 -4.51
N LYS A 38 1.90 12.67 -4.06
CA LYS A 38 2.61 12.53 -2.80
C LYS A 38 1.69 12.30 -1.63
N GLU A 39 0.75 13.18 -1.48
CA GLU A 39 -0.07 13.22 -0.29
C GLU A 39 -1.16 12.17 -0.32
N LEU A 40 -1.65 11.88 -1.52
CA LEU A 40 -2.73 10.94 -1.65
C LEU A 40 -2.23 9.53 -1.36
N LYS A 41 -1.05 9.21 -1.88
CA LYS A 41 -0.47 7.89 -1.73
C LYS A 41 0.06 7.71 -0.33
N ASP A 42 0.46 8.81 0.28
CA ASP A 42 0.90 8.79 1.66
C ASP A 42 -0.19 8.25 2.56
N HIS A 43 -1.39 8.82 2.45
CA HIS A 43 -2.52 8.37 3.27
C HIS A 43 -3.21 7.09 2.78
N LEU A 44 -3.19 6.85 1.49
CA LEU A 44 -3.86 5.68 0.93
C LEU A 44 -3.02 4.41 1.20
N GLN A 45 -1.73 4.49 0.91
CA GLN A 45 -0.83 3.40 1.25
C GLN A 45 -0.70 3.27 2.77
N GLU A 46 -0.95 4.37 3.48
CA GLU A 46 -1.07 4.35 4.94
C GLU A 46 -2.27 3.47 5.33
N ALA A 47 -3.41 3.70 4.67
CA ALA A 47 -4.68 2.97 4.93
C ALA A 47 -4.50 1.49 4.80
N LEU A 48 -3.53 1.10 3.99
CA LEU A 48 -3.16 -0.29 3.80
C LEU A 48 -2.92 -0.98 5.17
N GLU A 49 -2.32 -0.27 6.14
CA GLU A 49 -2.10 -0.90 7.45
C GLU A 49 -1.79 0.16 8.50
N THR A 50 -0.81 0.98 8.21
CA THR A 50 -0.27 1.99 9.12
C THR A 50 -1.33 3.05 9.55
N GLY A 51 -2.41 3.13 8.83
CA GLY A 51 -3.46 4.05 9.16
C GLY A 51 -4.68 3.32 9.54
N CYS A 52 -5.61 3.22 8.64
CA CYS A 52 -6.81 2.49 8.90
C CYS A 52 -7.51 2.06 7.64
N GLU A 53 -7.66 0.78 7.50
CA GLU A 53 -8.33 0.14 6.39
C GLU A 53 -9.80 0.14 6.73
N LYS A 54 -10.05 -0.03 8.01
CA LYS A 54 -11.38 -0.11 8.60
C LYS A 54 -12.07 1.26 8.74
N CYS A 55 -11.61 2.25 8.00
CA CYS A 55 -12.19 3.58 8.08
C CYS A 55 -13.33 3.84 7.05
N THR A 56 -13.20 4.90 6.27
CA THR A 56 -14.24 5.36 5.38
C THR A 56 -14.10 4.74 4.00
N GLU A 57 -15.11 4.94 3.16
CA GLU A 57 -15.18 4.37 1.80
C GLU A 57 -13.91 4.58 0.99
N ALA A 58 -13.46 5.81 0.87
CA ALA A 58 -12.29 6.12 0.06
C ALA A 58 -11.04 5.46 0.63
N GLN A 59 -10.97 5.43 1.95
CA GLN A 59 -9.83 4.84 2.59
C GLN A 59 -9.88 3.33 2.50
N GLU A 60 -11.04 2.74 2.80
CA GLU A 60 -11.17 1.30 2.75
C GLU A 60 -10.94 0.72 1.36
N LYS A 61 -11.47 1.40 0.34
CA LYS A 61 -11.29 0.95 -1.03
C LYS A 61 -9.85 1.10 -1.47
N GLY A 62 -9.24 2.20 -1.06
CA GLY A 62 -7.84 2.43 -1.36
C GLY A 62 -6.97 1.47 -0.60
N ALA A 63 -7.41 1.10 0.57
CA ALA A 63 -6.73 0.16 1.39
C ALA A 63 -6.78 -1.21 0.78
N GLU A 64 -7.97 -1.66 0.39
CA GLU A 64 -8.13 -3.03 -0.05
C GLU A 64 -7.41 -3.30 -1.33
N THR A 65 -7.40 -2.30 -2.19
CA THR A 65 -6.67 -2.38 -3.42
C THR A 65 -5.16 -2.52 -3.15
N SER A 66 -4.67 -1.67 -2.28
CA SER A 66 -3.27 -1.66 -1.95
C SER A 66 -2.84 -2.93 -1.21
N ILE A 67 -3.66 -3.38 -0.29
CA ILE A 67 -3.39 -4.59 0.48
C ILE A 67 -3.35 -5.79 -0.46
N ASP A 68 -4.31 -5.83 -1.38
CA ASP A 68 -4.46 -6.95 -2.32
C ASP A 68 -3.20 -7.16 -3.17
N TYR A 69 -2.79 -6.14 -3.92
CA TYR A 69 -1.68 -6.36 -4.81
C TYR A 69 -0.32 -6.33 -4.10
N LEU A 70 -0.21 -5.57 -3.01
CA LEU A 70 1.03 -5.54 -2.29
C LEU A 70 1.35 -6.89 -1.66
N ILE A 71 0.36 -7.55 -1.05
CA ILE A 71 0.61 -8.85 -0.43
C ILE A 71 0.96 -9.89 -1.52
N LYS A 72 0.32 -9.80 -2.67
CA LYS A 72 0.57 -10.77 -3.72
C LYS A 72 1.79 -10.41 -4.62
N ASN A 73 2.41 -9.26 -4.41
CA ASN A 73 3.62 -8.95 -5.21
C ASN A 73 4.80 -8.54 -4.34
N GLU A 74 4.67 -7.50 -3.55
CA GLU A 74 5.82 -6.98 -2.87
C GLU A 74 5.60 -6.81 -1.38
N LEU A 75 5.62 -7.91 -0.70
CA LEU A 75 5.41 -7.99 0.75
C LEU A 75 6.45 -7.16 1.53
N GLU A 76 7.57 -6.86 0.88
CA GLU A 76 8.66 -6.09 1.49
C GLU A 76 8.20 -4.71 1.96
N ILE A 77 7.34 -4.07 1.19
CA ILE A 77 6.87 -2.74 1.54
C ILE A 77 5.86 -2.82 2.67
N TRP A 78 5.10 -3.92 2.68
CA TRP A 78 4.16 -4.19 3.76
C TRP A 78 4.94 -4.29 5.05
N LYS A 79 6.08 -4.93 4.97
CA LYS A 79 6.98 -5.07 6.08
C LYS A 79 7.49 -3.72 6.57
N GLU A 80 7.69 -2.79 5.65
CA GLU A 80 8.14 -1.45 6.03
C GLU A 80 7.00 -0.69 6.73
N LEU A 81 5.81 -0.81 6.17
CA LEU A 81 4.62 -0.14 6.71
C LEU A 81 4.30 -0.65 8.11
N THR A 82 4.37 -1.96 8.28
CA THR A 82 4.11 -2.56 9.56
C THR A 82 5.22 -2.24 10.54
N ALA A 83 6.44 -2.07 10.04
CA ALA A 83 7.58 -1.70 10.87
C ALA A 83 7.43 -0.29 11.40
N HIS A 84 6.67 0.51 10.69
CA HIS A 84 6.43 1.87 11.10
C HIS A 84 5.18 1.92 11.98
N PHE A 85 4.36 0.88 11.91
CA PHE A 85 3.16 0.83 12.71
C PHE A 85 3.34 -0.08 13.93
N ASP A 86 3.17 -1.38 13.73
CA ASP A 86 3.22 -2.33 14.84
C ASP A 86 3.97 -3.62 14.46
N PRO A 87 5.30 -3.58 14.54
CA PRO A 87 6.12 -4.76 14.33
C PRO A 87 6.18 -5.68 15.57
N ASP A 88 6.05 -5.07 16.75
CA ASP A 88 6.33 -5.77 18.00
C ASP A 88 5.11 -6.38 18.65
N GLY A 89 3.94 -5.90 18.32
CA GLY A 89 2.74 -6.40 18.97
C GLY A 89 2.11 -7.53 18.22
N LYS A 90 1.23 -7.19 17.31
CA LYS A 90 0.57 -8.20 16.53
C LYS A 90 1.50 -8.67 15.43
N TRP A 91 1.66 -7.80 14.43
CA TRP A 91 2.45 -8.03 13.18
C TRP A 91 1.94 -9.27 12.38
N ARG A 92 2.03 -10.39 13.00
CA ARG A 92 1.67 -11.69 12.46
C ARG A 92 0.19 -11.73 12.06
N LYS A 93 -0.68 -11.25 12.96
CA LYS A 93 -2.12 -11.18 12.70
C LYS A 93 -2.40 -10.33 11.47
N LYS A 94 -1.65 -9.25 11.33
CA LYS A 94 -1.84 -8.31 10.22
C LYS A 94 -1.65 -9.02 8.91
N TYR A 95 -0.61 -9.83 8.83
CA TYR A 95 -0.30 -10.59 7.63
C TYR A 95 -1.43 -11.55 7.27
N GLU A 96 -1.78 -12.41 8.21
CA GLU A 96 -2.75 -13.48 7.95
C GLU A 96 -4.13 -12.91 7.71
N ASP A 97 -4.58 -12.10 8.64
CA ASP A 97 -5.93 -11.57 8.64
C ASP A 97 -6.22 -10.71 7.44
N ARG A 98 -5.35 -9.77 7.13
CA ARG A 98 -5.59 -8.89 6.03
C ARG A 98 -5.50 -9.59 4.69
N ALA A 99 -4.60 -10.56 4.57
CA ALA A 99 -4.49 -11.31 3.34
C ALA A 99 -5.73 -12.18 3.13
N LYS A 100 -6.13 -12.90 4.18
CA LYS A 100 -7.30 -13.79 4.12
C LYS A 100 -8.58 -13.01 3.89
N ALA A 101 -8.68 -11.84 4.48
CA ALA A 101 -9.87 -11.00 4.32
C ALA A 101 -9.99 -10.42 2.92
N LYS A 102 -8.88 -10.35 2.22
CA LYS A 102 -8.90 -9.87 0.84
C LYS A 102 -9.00 -11.05 -0.13
N GLY A 103 -8.74 -12.23 0.38
CA GLY A 103 -8.83 -13.44 -0.45
C GLY A 103 -7.49 -13.83 -1.00
N ILE A 104 -6.45 -13.21 -0.49
CA ILE A 104 -5.10 -13.43 -0.97
C ILE A 104 -4.59 -14.77 -0.46
N VAL A 105 -4.15 -15.59 -1.37
CA VAL A 105 -3.60 -16.88 -1.02
C VAL A 105 -2.18 -16.72 -0.45
N ILE A 106 -2.01 -17.12 0.78
CA ILE A 106 -0.73 -17.08 1.45
C ILE A 106 -0.55 -18.37 2.21
N PRO A 107 0.69 -18.81 2.43
CA PRO A 107 0.95 -19.98 3.23
C PRO A 107 0.63 -19.70 4.70
N GLU A 108 -0.44 -20.27 5.15
CA GLU A 108 -0.88 -20.06 6.50
C GLU A 108 -0.48 -21.24 7.37
#